data_9BHC
#
_entry.id   9BHC
#
_cell.length_a   1.00
_cell.length_b   1.00
_cell.length_c   1.00
_cell.angle_alpha   90.00
_cell.angle_beta   90.00
_cell.angle_gamma   90.00
#
_symmetry.space_group_name_H-M   'P 1'
#
_entity_poly.entity_id   1
_entity_poly.type   'polypeptide(L)'
_entity_poly.pdbx_seq_one_letter_code
;MFDAAPIKKVSVVIPVYNEQESLPELIRRTTTACESLGKAWEILLIDDGSSDSSAELMVKASQEADSHIISILLNRNYGQ
HAAIMAGFSHVSGDLIITLDADLQNPPEEIPRLVAKADEGFDVVGTVRQNRQDSLFRKSASKIINLLIQRTTGKAMGDYG
CMLRAYRRPIIDTMLRCHERSTFIPILANIFARRATEIPVHHAEREFGDSKYSFMRLINLMYDLVTCLTTTPLRLLSLLG
SVIAIGGFSLSVLLIVLRLALGPQWAAEGVFMLFAVLFTFIGAQFIGMGLLGEYIGRIYNDVRARPRYFVQQVIYPESTP
FTEESHQ
;
_entity_poly.pdbx_strand_id   C,D,A,B
#
# COMPACT_ATOMS: atom_id res chain seq x y z
N MET A 1 32.22 8.77 13.47
CA MET A 1 33.03 7.94 14.39
C MET A 1 34.44 8.54 14.55
N PHE A 2 35.13 8.80 13.44
CA PHE A 2 36.49 9.36 13.45
C PHE A 2 36.38 10.87 13.66
N ASP A 3 36.12 11.25 14.91
CA ASP A 3 36.02 12.67 15.31
C ASP A 3 34.91 13.32 14.49
N ALA A 4 35.12 14.54 14.02
CA ALA A 4 34.14 15.23 13.14
C ALA A 4 34.91 16.09 12.15
N ALA A 5 34.39 16.17 10.94
CA ALA A 5 35.00 17.02 9.88
C ALA A 5 34.91 18.47 10.30
N PRO A 6 35.92 19.30 9.97
CA PRO A 6 35.83 20.73 10.25
C PRO A 6 34.73 21.40 9.41
N ILE A 7 34.14 22.44 9.98
CA ILE A 7 33.08 23.23 9.29
C ILE A 7 33.74 24.37 8.54
N LYS A 8 33.53 24.39 7.23
CA LYS A 8 34.12 25.44 6.36
C LYS A 8 33.04 26.33 5.76
N LYS A 9 31.84 25.81 5.52
CA LYS A 9 30.77 26.61 4.93
C LYS A 9 29.46 26.38 5.65
N VAL A 10 28.73 27.46 5.86
CA VAL A 10 27.41 27.44 6.52
C VAL A 10 26.36 27.91 5.53
N SER A 11 25.34 27.10 5.33
CA SER A 11 24.19 27.41 4.45
C SER A 11 22.97 27.64 5.31
N VAL A 12 22.36 28.83 5.20
CA VAL A 12 21.13 29.14 5.95
C VAL A 12 19.93 28.96 5.02
N VAL A 13 19.00 28.13 5.41
CA VAL A 13 17.79 27.82 4.62
C VAL A 13 16.60 28.52 5.26
N ILE A 14 15.98 29.42 4.53
CA ILE A 14 14.85 30.23 5.07
C ILE A 14 13.67 30.08 4.15
N PRO A 15 12.64 29.30 4.52
CA PRO A 15 11.43 29.25 3.73
C PRO A 15 10.60 30.52 3.93
N VAL A 16 10.24 31.14 2.82
CA VAL A 16 9.54 32.46 2.81
C VAL A 16 8.17 32.27 2.21
N TYR A 17 7.15 32.78 2.89
CA TYR A 17 5.76 32.76 2.40
C TYR A 17 5.07 34.03 2.89
N ASN A 18 4.89 34.98 2.00
CA ASN A 18 4.17 36.24 2.29
C ASN A 18 4.82 36.93 3.49
N GLU A 19 6.11 37.13 3.42
CA GLU A 19 6.89 37.75 4.51
C GLU A 19 7.61 39.01 4.01
N GLN A 20 6.94 39.77 3.14
CA GLN A 20 7.55 41.00 2.60
C GLN A 20 7.68 42.07 3.68
N GLU A 21 6.97 41.95 4.78
CA GLU A 21 6.98 43.01 5.82
C GLU A 21 8.32 43.02 6.56
N SER A 22 8.87 41.84 6.82
CA SER A 22 10.10 41.70 7.64
C SER A 22 11.26 41.11 6.83
N LEU A 23 11.12 40.96 5.53
CA LEU A 23 12.17 40.30 4.72
C LEU A 23 13.45 41.13 4.68
N PRO A 24 13.40 42.47 4.46
CA PRO A 24 14.65 43.25 4.46
C PRO A 24 15.41 43.20 5.80
N GLU A 25 14.69 43.33 6.91
CA GLU A 25 15.32 43.28 8.25
C GLU A 25 15.92 41.90 8.48
N LEU A 26 15.19 40.86 8.11
CA LEU A 26 15.70 39.47 8.25
C LEU A 26 16.96 39.29 7.42
N ILE A 27 16.97 39.79 6.19
CA ILE A 27 18.16 39.64 5.31
C ILE A 27 19.34 40.37 5.94
N ARG A 28 19.11 41.59 6.41
CA ARG A 28 20.22 42.40 6.98
C ARG A 28 20.79 41.70 8.23
N ARG A 29 19.91 41.27 9.13
CA ARG A 29 20.37 40.65 10.40
C ARG A 29 21.09 39.32 10.10
N THR A 30 20.54 38.50 9.21
CA THR A 30 21.18 37.22 8.87
C THR A 30 22.53 37.45 8.19
N THR A 31 22.61 38.46 7.33
CA THR A 31 23.89 38.79 6.67
C THR A 31 24.92 39.21 7.73
N THR A 32 24.52 40.03 8.68
CA THR A 32 25.44 40.49 9.74
C THR A 32 25.92 39.29 10.56
N ALA A 33 25.01 38.40 10.94
CA ALA A 33 25.37 37.23 11.78
C ALA A 33 26.34 36.33 11.00
N CYS A 34 26.04 36.08 9.73
CA CYS A 34 26.88 35.16 8.93
C CYS A 34 28.24 35.80 8.64
N GLU A 35 28.30 37.11 8.49
CA GLU A 35 29.61 37.80 8.35
C GLU A 35 30.40 37.67 9.65
N SER A 36 29.71 37.76 10.79
CA SER A 36 30.37 37.63 12.10
C SER A 36 30.80 36.17 12.35
N LEU A 37 30.28 35.23 11.58
CA LEU A 37 30.65 33.80 11.79
C LEU A 37 32.15 33.58 11.58
N GLY A 38 32.73 34.19 10.55
CA GLY A 38 34.14 33.96 10.22
C GLY A 38 34.38 32.74 9.35
N LYS A 39 33.36 32.29 8.64
CA LYS A 39 33.45 31.18 7.67
C LYS A 39 32.75 31.60 6.39
N ALA A 40 32.93 30.82 5.32
CA ALA A 40 32.14 30.97 4.08
C ALA A 40 30.67 30.72 4.40
N TRP A 41 29.80 31.55 3.88
CA TRP A 41 28.37 31.46 4.21
C TRP A 41 27.51 31.72 2.97
N GLU A 42 26.28 31.23 3.03
CA GLU A 42 25.27 31.51 2.01
C GLU A 42 23.88 31.40 2.63
N ILE A 43 22.96 32.21 2.11
CA ILE A 43 21.56 32.23 2.60
C ILE A 43 20.67 31.78 1.46
N LEU A 44 19.95 30.69 1.66
CA LEU A 44 19.01 30.17 0.64
C LEU A 44 17.61 30.62 1.03
N LEU A 45 17.11 31.64 0.34
CA LEU A 45 15.71 32.09 0.52
C LEU A 45 14.83 31.33 -0.46
N ILE A 46 13.82 30.65 0.05
CA ILE A 46 12.89 29.86 -0.78
C ILE A 46 11.52 30.51 -0.75
N ASP A 47 11.01 30.87 -1.91
CA ASP A 47 9.69 31.53 -2.06
C ASP A 47 8.66 30.43 -2.27
N ASP A 48 7.80 30.24 -1.30
CA ASP A 48 6.81 29.13 -1.36
C ASP A 48 5.52 29.64 -1.97
N GLY A 49 5.61 30.19 -3.18
CA GLY A 49 4.42 30.69 -3.91
C GLY A 49 3.75 31.84 -3.18
N SER A 50 4.53 32.82 -2.74
CA SER A 50 4.00 34.02 -2.06
C SER A 50 3.13 34.82 -3.03
N SER A 51 2.02 35.34 -2.54
CA SER A 51 1.10 36.19 -3.32
C SER A 51 1.55 37.66 -3.33
N ASP A 52 2.38 38.06 -2.39
CA ASP A 52 2.83 39.47 -2.28
C ASP A 52 4.15 39.65 -3.05
N SER A 53 4.86 40.73 -2.76
CA SER A 53 6.09 41.10 -3.49
C SER A 53 7.31 40.48 -2.82
N SER A 54 7.17 39.40 -2.09
CA SER A 54 8.32 38.71 -1.45
C SER A 54 9.32 38.22 -2.51
N ALA A 55 8.81 37.68 -3.60
CA ALA A 55 9.68 37.13 -4.68
C ALA A 55 10.53 38.26 -5.27
N GLU A 56 9.96 39.44 -5.48
CA GLU A 56 10.70 40.58 -6.06
C GLU A 56 11.82 40.99 -5.10
N LEU A 57 11.51 41.04 -3.80
CA LEU A 57 12.55 41.42 -2.80
C LEU A 57 13.66 40.37 -2.78
N MET A 58 13.32 39.10 -2.85
CA MET A 58 14.34 38.03 -2.85
C MET A 58 15.20 38.16 -4.12
N VAL A 59 14.58 38.45 -5.26
CA VAL A 59 15.34 38.58 -6.53
C VAL A 59 16.29 39.77 -6.41
N LYS A 60 15.81 40.89 -5.88
CA LYS A 60 16.67 42.09 -5.74
C LYS A 60 17.82 41.79 -4.79
N ALA A 61 17.56 41.09 -3.69
CA ALA A 61 18.61 40.72 -2.71
C ALA A 61 19.63 39.80 -3.36
N SER A 62 19.20 38.83 -4.15
CA SER A 62 20.12 37.87 -4.82
C SER A 62 20.95 38.59 -5.89
N GLN A 63 20.36 39.55 -6.57
CA GLN A 63 21.04 40.23 -7.70
C GLN A 63 21.98 41.33 -7.21
N GLU A 64 21.96 41.64 -5.92
CA GLU A 64 22.83 42.71 -5.37
C GLU A 64 24.29 42.30 -5.48
N ALA A 65 25.16 43.28 -5.71
CA ALA A 65 26.60 43.03 -5.91
C ALA A 65 27.20 42.43 -4.64
N ASP A 66 28.11 41.47 -4.81
CA ASP A 66 28.83 40.81 -3.68
C ASP A 66 27.82 40.31 -2.65
N SER A 67 26.77 39.62 -3.11
CA SER A 67 25.74 39.05 -2.21
C SER A 67 25.91 37.54 -2.17
N HIS A 68 25.62 36.94 -1.02
CA HIS A 68 25.72 35.47 -0.84
C HIS A 68 24.31 34.90 -0.66
N ILE A 69 23.34 35.46 -1.38
CA ILE A 69 21.92 35.05 -1.24
C ILE A 69 21.49 34.33 -2.50
N ILE A 70 20.92 33.16 -2.34
CA ILE A 70 20.36 32.34 -3.45
C ILE A 70 18.86 32.32 -3.29
N SER A 71 18.16 32.78 -4.32
CA SER A 71 16.68 32.82 -4.32
C SER A 71 16.18 31.61 -5.11
N ILE A 72 15.36 30.79 -4.47
CA ILE A 72 14.74 29.62 -5.12
C ILE A 72 13.23 29.88 -5.12
N LEU A 73 12.67 30.08 -6.30
CA LEU A 73 11.24 30.40 -6.47
C LEU A 73 10.48 29.13 -6.82
N LEU A 74 9.41 28.88 -6.10
CA LEU A 74 8.49 27.74 -6.39
C LEU A 74 7.26 28.29 -7.09
N ASN A 75 6.70 27.52 -8.01
CA ASN A 75 5.58 28.04 -8.84
C ASN A 75 4.34 28.29 -7.97
N ARG A 76 4.10 27.43 -6.99
CA ARG A 76 2.92 27.61 -6.10
C ARG A 76 3.30 27.27 -4.66
N ASN A 77 2.31 27.27 -3.79
CA ASN A 77 2.52 26.92 -2.37
C ASN A 77 2.54 25.40 -2.23
N TYR A 78 3.59 24.88 -1.59
CA TYR A 78 3.69 23.44 -1.29
C TYR A 78 3.81 23.17 0.22
N GLY A 79 4.01 24.20 1.04
CA GLY A 79 4.17 24.02 2.48
C GLY A 79 5.59 24.32 2.93
N GLN A 80 5.75 24.53 4.23
CA GLN A 80 7.06 24.84 4.81
C GLN A 80 7.98 23.64 4.61
N HIS A 81 7.50 22.42 4.84
CA HIS A 81 8.36 21.22 4.74
C HIS A 81 8.89 21.06 3.33
N ALA A 82 8.05 21.21 2.33
CA ALA A 82 8.48 21.05 0.92
C ALA A 82 9.46 22.17 0.55
N ALA A 83 9.23 23.40 1.01
CA ALA A 83 10.17 24.49 0.74
C ALA A 83 11.51 24.22 1.40
N ILE A 84 11.52 23.71 2.62
CA ILE A 84 12.79 23.40 3.34
C ILE A 84 13.50 22.27 2.61
N MET A 85 12.78 21.28 2.13
CA MET A 85 13.41 20.18 1.38
C MET A 85 13.99 20.68 0.06
N ALA A 86 13.29 21.59 -0.60
CA ALA A 86 13.78 22.21 -1.85
C ALA A 86 15.05 22.99 -1.56
N GLY A 87 15.10 23.71 -0.45
CA GLY A 87 16.33 24.41 -0.05
C GLY A 87 17.43 23.44 0.24
N PHE A 88 17.13 22.33 0.91
CA PHE A 88 18.14 21.29 1.21
C PHE A 88 18.73 20.73 -0.07
N SER A 89 17.90 20.59 -1.11
CA SER A 89 18.36 20.04 -2.39
C SER A 89 19.40 20.96 -3.07
N HIS A 90 19.54 22.21 -2.65
CA HIS A 90 20.43 23.18 -3.32
C HIS A 90 21.56 23.66 -2.42
N VAL A 91 21.66 23.15 -1.20
CA VAL A 91 22.72 23.64 -0.27
C VAL A 91 24.09 23.14 -0.75
N SER A 92 25.12 23.86 -0.36
CA SER A 92 26.52 23.50 -0.68
C SER A 92 27.42 23.58 0.54
N GLY A 93 26.96 24.09 1.67
CA GLY A 93 27.80 24.24 2.86
C GLY A 93 27.97 22.95 3.65
N ASP A 94 28.90 22.97 4.60
CA ASP A 94 29.12 21.83 5.52
C ASP A 94 28.02 21.80 6.59
N LEU A 95 27.59 22.95 7.09
CA LEU A 95 26.55 22.99 8.15
C LEU A 95 25.36 23.77 7.64
N ILE A 96 24.17 23.18 7.75
CA ILE A 96 22.91 23.76 7.26
C ILE A 96 22.08 24.21 8.44
N ILE A 97 21.70 25.47 8.46
CA ILE A 97 20.88 26.04 9.56
C ILE A 97 19.51 26.40 9.03
N THR A 98 18.47 25.85 9.62
CA THR A 98 17.07 26.23 9.29
C THR A 98 16.62 27.33 10.25
N LEU A 99 16.07 28.38 9.66
CA LEU A 99 15.74 29.63 10.39
C LEU A 99 14.34 30.06 10.02
N ASP A 100 13.65 30.62 11.01
CA ASP A 100 12.30 31.19 10.78
C ASP A 100 12.41 32.45 9.95
N ALA A 101 11.41 32.69 9.11
CA ALA A 101 11.37 33.87 8.22
C ALA A 101 10.61 35.02 8.89
N ASP A 102 9.95 34.80 10.02
CA ASP A 102 9.12 35.83 10.68
C ASP A 102 9.87 36.47 11.86
N LEU A 103 11.18 36.26 11.95
CA LEU A 103 12.06 36.86 13.00
C LEU A 103 11.63 36.41 14.40
N GLN A 104 10.91 35.30 14.53
CA GLN A 104 10.62 34.73 15.86
C GLN A 104 11.93 34.31 16.54
N ASN A 105 12.81 33.66 15.79
CA ASN A 105 14.13 33.26 16.31
C ASN A 105 15.16 34.24 15.79
N PRO A 106 15.85 34.98 16.67
CA PRO A 106 16.77 36.00 16.21
C PRO A 106 17.92 35.37 15.44
N PRO A 107 18.31 35.94 14.27
CA PRO A 107 19.48 35.42 13.56
C PRO A 107 20.80 35.54 14.33
N GLU A 108 20.86 36.41 15.34
CA GLU A 108 22.11 36.60 16.13
C GLU A 108 22.45 35.34 16.92
N GLU A 109 21.52 34.40 17.05
CA GLU A 109 21.79 33.11 17.71
C GLU A 109 22.54 32.16 16.77
N ILE A 110 22.74 32.53 15.50
CA ILE A 110 23.35 31.61 14.52
C ILE A 110 24.76 31.25 14.94
N PRO A 111 25.64 32.19 15.33
CA PRO A 111 27.00 31.79 15.74
C PRO A 111 27.03 30.76 16.86
N ARG A 112 26.15 30.91 17.84
CA ARG A 112 26.14 30.00 19.00
C ARG A 112 25.87 28.57 18.54
N LEU A 113 24.98 28.38 17.58
CA LEU A 113 24.77 27.04 16.99
C LEU A 113 26.06 26.55 16.34
N VAL A 114 26.68 27.40 15.55
CA VAL A 114 27.86 26.98 14.75
C VAL A 114 28.96 26.52 15.70
N ALA A 115 29.24 27.28 16.73
CA ALA A 115 30.25 26.92 17.74
C ALA A 115 29.89 25.57 18.34
N LYS A 116 28.64 25.35 18.65
CA LYS A 116 28.21 24.03 19.17
C LYS A 116 28.43 22.95 18.12
N ALA A 117 28.18 23.26 16.86
CA ALA A 117 28.43 22.28 15.78
C ALA A 117 29.93 22.07 15.60
N ASP A 118 30.77 22.97 16.09
CA ASP A 118 32.23 22.77 16.03
C ASP A 118 32.70 21.78 17.09
N GLU A 119 31.88 21.49 18.10
CA GLU A 119 32.26 20.52 19.14
C GLU A 119 32.10 19.08 18.66
N GLY A 120 31.40 18.86 17.54
CA GLY A 120 31.27 17.54 16.94
C GLY A 120 29.85 17.01 17.01
N PHE A 121 28.85 17.86 17.09
CA PHE A 121 27.44 17.43 17.13
C PHE A 121 26.84 17.45 15.73
N ASP A 122 26.16 16.38 15.37
CA ASP A 122 25.52 16.25 14.04
C ASP A 122 24.28 17.14 13.99
N VAL A 123 23.51 17.22 15.08
CA VAL A 123 22.29 18.05 15.15
C VAL A 123 22.38 18.92 16.40
N VAL A 124 22.16 20.20 16.23
CA VAL A 124 22.15 21.18 17.36
C VAL A 124 20.82 21.89 17.33
N GLY A 125 19.87 21.43 18.10
CA GLY A 125 18.58 22.10 18.26
C GLY A 125 18.63 23.26 19.25
N THR A 126 17.53 23.97 19.30
CA THR A 126 17.37 25.13 20.22
C THR A 126 16.13 24.92 21.08
N VAL A 127 16.25 25.23 22.36
CA VAL A 127 15.11 25.22 23.30
C VAL A 127 14.87 26.65 23.74
N ARG A 128 13.65 27.11 23.66
CA ARG A 128 13.30 28.51 24.00
C ARG A 128 13.11 28.64 25.50
N GLN A 129 13.78 29.62 26.10
CA GLN A 129 13.63 29.93 27.53
C GLN A 129 12.58 31.03 27.71
N ASN A 130 12.28 31.36 28.97
CA ASN A 130 11.29 32.38 29.40
C ASN A 130 10.03 32.28 28.54
N ARG A 131 9.64 31.09 28.09
CA ARG A 131 8.46 30.91 27.24
C ARG A 131 7.24 30.89 28.17
N GLN A 132 6.41 31.92 28.09
CA GLN A 132 5.21 32.00 28.93
C GLN A 132 4.00 31.48 28.15
N ASP A 133 3.35 30.45 28.71
CA ASP A 133 2.18 29.82 28.08
C ASP A 133 1.41 29.06 29.16
N SER A 134 0.33 28.43 28.75
CA SER A 134 -0.51 27.60 29.66
C SER A 134 0.32 26.42 30.16
N LEU A 135 0.09 26.01 31.40
CA LEU A 135 0.77 24.82 31.98
C LEU A 135 0.40 23.56 31.19
N PHE A 136 -0.80 23.53 30.61
CA PHE A 136 -1.23 22.41 29.76
C PHE A 136 -0.31 22.30 28.54
N ARG A 137 -0.01 23.41 27.91
CA ARG A 137 0.88 23.40 26.71
C ARG A 137 2.28 22.97 27.13
N LYS A 138 2.73 23.41 28.30
CA LYS A 138 4.07 22.99 28.79
C LYS A 138 4.09 21.48 29.03
N SER A 139 3.04 20.94 29.63
CA SER A 139 2.94 19.48 29.88
C SER A 139 2.91 18.73 28.55
N ALA A 140 2.19 19.24 27.57
CA ALA A 140 2.15 18.64 26.21
C ALA A 140 3.56 18.61 25.61
N SER A 141 4.27 19.74 25.72
CA SER A 141 5.65 19.84 25.17
C SER A 141 6.56 18.83 25.87
N LYS A 142 6.45 18.72 27.18
CA LYS A 142 7.30 17.79 27.97
C LYS A 142 6.97 16.34 27.61
N ILE A 143 5.71 15.98 27.45
CA ILE A 143 5.36 14.57 27.15
C ILE A 143 5.81 14.25 25.72
N ILE A 144 5.71 15.21 24.80
CA ILE A 144 6.24 15.00 23.43
C ILE A 144 7.77 14.79 23.48
N ASN A 145 8.43 15.60 24.31
CA ASN A 145 9.88 15.45 24.52
C ASN A 145 10.19 14.03 25.02
N LEU A 146 9.44 13.56 26.00
CA LEU A 146 9.68 12.22 26.62
C LEU A 146 9.44 11.14 25.56
N LEU A 147 8.37 11.26 24.77
CA LEU A 147 8.05 10.24 23.75
C LEU A 147 9.17 10.19 22.70
N ILE A 148 9.65 11.34 22.25
CA ILE A 148 10.71 11.37 21.22
C ILE A 148 12.02 10.88 21.84
N GLN A 149 12.26 11.18 23.10
CA GLN A 149 13.44 10.65 23.81
C GLN A 149 13.40 9.12 23.85
N ARG A 150 12.24 8.55 24.17
CA ARG A 150 12.11 7.08 24.22
C ARG A 150 12.24 6.46 22.82
N THR A 151 11.76 7.16 21.79
CA THR A 151 11.75 6.59 20.43
C THR A 151 13.14 6.71 19.77
N THR A 152 13.63 7.92 19.59
CA THR A 152 14.86 8.17 18.80
C THR A 152 16.10 8.15 19.68
N GLY A 153 15.98 8.18 21.00
CA GLY A 153 17.15 8.15 21.90
C GLY A 153 17.81 9.51 22.09
N LYS A 154 17.97 10.29 21.05
CA LYS A 154 18.65 11.61 21.11
C LYS A 154 17.86 12.58 21.97
N ALA A 155 18.60 13.39 22.73
CA ALA A 155 18.02 14.37 23.67
C ALA A 155 17.61 15.61 22.90
N MET A 156 16.32 15.84 22.69
CA MET A 156 15.85 16.94 21.83
C MET A 156 14.52 17.39 22.40
N GLY A 157 14.53 18.48 23.16
CA GLY A 157 13.36 18.99 23.90
C GLY A 157 12.35 19.74 23.05
N ASP A 158 12.73 20.90 22.53
CA ASP A 158 11.77 21.84 21.91
C ASP A 158 11.75 21.61 20.41
N TYR A 159 10.55 21.43 19.87
CA TYR A 159 10.34 21.33 18.39
C TYR A 159 9.48 22.46 17.88
N GLY A 160 9.02 23.39 18.71
CA GLY A 160 8.19 24.51 18.24
C GLY A 160 8.97 25.38 17.25
N CYS A 161 10.23 25.64 17.56
CA CYS A 161 11.07 26.49 16.70
C CYS A 161 11.83 25.58 15.75
N MET A 162 12.00 26.05 14.52
CA MET A 162 12.73 25.29 13.49
C MET A 162 14.12 25.86 13.32
N LEU A 163 14.57 26.75 14.20
CA LEU A 163 15.99 27.19 14.20
C LEU A 163 16.86 26.02 14.64
N ARG A 164 17.46 25.34 13.67
CA ARG A 164 18.22 24.10 13.97
C ARG A 164 19.45 24.05 13.07
N ALA A 165 20.41 23.27 13.46
CA ALA A 165 21.67 23.07 12.72
C ALA A 165 21.83 21.58 12.42
N TYR A 166 22.12 21.24 11.19
CA TYR A 166 22.37 19.86 10.74
C TYR A 166 23.70 19.80 10.01
N ARG A 167 24.41 18.71 10.16
CA ARG A 167 25.63 18.49 9.38
C ARG A 167 25.21 18.02 7.98
N ARG A 168 26.10 18.24 7.02
CA ARG A 168 25.80 17.92 5.62
C ARG A 168 25.47 16.43 5.43
N PRO A 169 26.19 15.45 6.03
CA PRO A 169 25.77 14.05 5.91
C PRO A 169 24.33 13.76 6.33
N ILE A 170 23.85 14.45 7.36
CA ILE A 170 22.46 14.24 7.84
C ILE A 170 21.51 14.76 6.77
N ILE A 171 21.81 15.90 6.18
CA ILE A 171 20.93 16.48 5.12
C ILE A 171 20.94 15.53 3.93
N ASP A 172 22.11 15.02 3.56
CA ASP A 172 22.20 14.13 2.38
C ASP A 172 21.40 12.87 2.63
N THR A 173 21.50 12.31 3.83
CA THR A 173 20.75 11.09 4.16
C THR A 173 19.25 11.38 4.13
N MET A 174 18.85 12.51 4.66
CA MET A 174 17.41 12.89 4.69
C MET A 174 16.90 13.08 3.25
N LEU A 175 17.71 13.64 2.36
CA LEU A 175 17.30 13.81 0.95
C LEU A 175 17.06 12.46 0.29
N ARG A 176 17.72 11.41 0.71
CA ARG A 176 17.51 10.05 0.16
C ARG A 176 16.21 9.42 0.69
N CYS A 177 15.55 10.03 1.65
CA CYS A 177 14.24 9.57 2.12
C CYS A 177 13.17 10.23 1.28
N HIS A 178 12.37 9.45 0.54
CA HIS A 178 11.31 10.04 -0.32
C HIS A 178 9.99 10.05 0.44
N GLU A 179 10.01 10.07 1.75
CA GLU A 179 8.78 10.17 2.57
C GLU A 179 8.16 11.56 2.33
N ARG A 180 6.86 11.59 2.17
CA ARG A 180 6.12 12.85 1.99
C ARG A 180 5.47 13.23 3.32
N SER A 181 5.67 14.46 3.73
CA SER A 181 5.01 15.06 4.91
C SER A 181 5.49 14.29 6.15
N THR A 182 6.81 14.27 6.31
CA THR A 182 7.43 13.78 7.56
C THR A 182 7.85 14.96 8.40
N PHE A 183 8.38 14.70 9.58
CA PHE A 183 8.85 15.78 10.48
C PHE A 183 10.37 15.77 10.45
N ILE A 184 10.93 16.90 10.05
CA ILE A 184 12.37 16.95 9.67
C ILE A 184 13.26 16.69 10.88
N PRO A 185 13.07 17.36 12.04
CA PRO A 185 13.95 17.09 13.19
C PRO A 185 13.96 15.63 13.66
N ILE A 186 12.81 14.96 13.60
CA ILE A 186 12.76 13.53 14.00
C ILE A 186 13.58 12.70 13.02
N LEU A 187 13.44 12.98 11.73
CA LEU A 187 14.21 12.24 10.71
C LEU A 187 15.70 12.49 10.90
N ALA A 188 16.09 13.71 11.22
CA ALA A 188 17.51 14.04 11.49
C ALA A 188 18.01 13.25 12.70
N ASN A 189 17.21 13.23 13.75
CA ASN A 189 17.59 12.52 15.01
C ASN A 189 17.73 11.04 14.72
N ILE A 190 16.95 10.51 13.79
CA ILE A 190 17.06 9.06 13.45
C ILE A 190 18.48 8.73 12.95
N PHE A 191 19.05 9.55 12.11
CA PHE A 191 20.36 9.26 11.47
C PHE A 191 21.50 9.99 12.19
N ALA A 192 21.22 10.75 13.23
CA ALA A 192 22.27 11.56 13.90
C ALA A 192 23.08 10.68 14.84
N ARG A 193 24.36 10.90 14.93
CA ARG A 193 25.22 10.20 15.90
C ARG A 193 25.15 10.89 17.26
N ARG A 194 25.48 12.18 17.28
CA ARG A 194 25.47 12.97 18.54
C ARG A 194 24.64 14.21 18.31
N ALA A 195 23.50 14.32 18.97
CA ALA A 195 22.63 15.50 18.91
C ALA A 195 22.56 16.19 20.27
N THR A 196 22.39 17.50 20.23
CA THR A 196 22.34 18.32 21.46
C THR A 196 21.40 19.48 21.27
N GLU A 197 21.22 20.24 22.33
CA GLU A 197 20.36 21.43 22.32
C GLU A 197 21.08 22.57 23.04
N ILE A 198 20.72 23.79 22.66
CA ILE A 198 21.22 24.99 23.34
C ILE A 198 20.04 25.86 23.68
N PRO A 199 20.12 26.67 24.76
CA PRO A 199 19.03 27.57 25.11
C PRO A 199 19.08 28.88 24.31
N VAL A 200 17.90 29.34 23.92
CA VAL A 200 17.74 30.61 23.16
C VAL A 200 16.70 31.48 23.84
N HIS A 201 16.74 32.76 23.54
CA HIS A 201 15.85 33.77 24.16
C HIS A 201 15.05 34.42 23.05
N HIS A 202 13.88 33.88 22.76
CA HIS A 202 12.97 34.40 21.71
C HIS A 202 12.38 35.74 22.15
N ALA A 203 11.89 36.49 21.17
CA ALA A 203 11.22 37.78 21.40
C ALA A 203 9.76 37.53 21.78
N SER A 213 -4.74 25.76 19.95
CA SER A 213 -5.83 25.24 20.82
C SER A 213 -5.66 23.72 21.00
N PHE A 214 -6.71 23.10 21.50
CA PHE A 214 -6.70 21.65 21.79
C PHE A 214 -6.73 20.86 20.48
N MET A 215 -7.45 21.36 19.48
CA MET A 215 -7.42 20.75 18.13
C MET A 215 -6.02 20.78 17.55
N ARG A 216 -5.26 21.84 17.80
CA ARG A 216 -3.86 21.90 17.34
C ARG A 216 -3.05 20.78 17.97
N LEU A 217 -3.22 20.56 19.26
CA LEU A 217 -2.46 19.50 19.97
C LEU A 217 -2.85 18.13 19.40
N ILE A 218 -4.14 17.91 19.17
CA ILE A 218 -4.58 16.60 18.61
C ILE A 218 -3.98 16.39 17.21
N ASN A 219 -3.99 17.43 16.40
CA ASN A 219 -3.39 17.36 15.05
C ASN A 219 -1.89 17.05 15.16
N LEU A 220 -1.20 17.71 16.08
CA LEU A 220 0.26 17.49 16.25
C LEU A 220 0.52 16.05 16.70
N MET A 221 -0.28 15.54 17.62
CA MET A 221 -0.11 14.14 18.08
C MET A 221 -0.33 13.18 16.93
N TYR A 222 -1.37 13.38 16.14
CA TYR A 222 -1.64 12.50 14.97
C TYR A 222 -0.49 12.60 13.97
N ASP A 223 0.06 13.78 13.77
CA ASP A 223 1.21 13.94 12.85
C ASP A 223 2.44 13.17 13.38
N LEU A 224 2.74 13.34 14.66
CA LEU A 224 3.99 12.76 15.22
C LEU A 224 3.89 11.24 15.36
N VAL A 225 2.69 10.71 15.60
CA VAL A 225 2.55 9.27 15.89
C VAL A 225 3.00 8.44 14.69
N THR A 226 2.82 8.91 13.47
CA THR A 226 3.24 8.15 12.28
C THR A 226 4.77 8.17 12.17
N CYS A 227 5.38 9.29 12.51
CA CYS A 227 6.86 9.42 12.41
C CYS A 227 7.53 8.59 13.51
N LEU A 228 6.95 8.55 14.69
CA LEU A 228 7.59 7.88 15.84
C LEU A 228 7.55 6.37 15.70
N THR A 229 6.38 5.78 15.61
CA THR A 229 6.23 4.31 15.50
C THR A 229 5.40 3.94 14.28
N THR A 230 5.38 2.65 13.96
CA THR A 230 4.62 2.13 12.80
C THR A 230 3.50 1.20 13.24
N THR A 231 3.30 1.00 14.53
CA THR A 231 2.31 0.00 15.01
C THR A 231 1.84 0.31 16.42
N PRO A 232 1.16 1.45 16.64
CA PRO A 232 0.58 1.72 17.97
C PRO A 232 -0.51 0.70 18.34
N LEU A 233 -1.28 0.27 17.33
CA LEU A 233 -2.49 -0.55 17.56
C LEU A 233 -2.10 -1.85 18.23
N ARG A 234 -0.83 -2.24 18.15
CA ARG A 234 -0.31 -3.40 18.91
C ARG A 234 -0.83 -3.38 20.35
N LEU A 235 -0.66 -2.26 21.04
CA LEU A 235 -1.09 -2.19 22.46
C LEU A 235 -2.59 -2.43 22.58
N LEU A 236 -3.36 -1.84 21.67
CA LEU A 236 -4.83 -2.03 21.67
C LEU A 236 -5.19 -3.50 21.56
N SER A 237 -4.45 -4.25 20.75
CA SER A 237 -4.68 -5.71 20.63
C SER A 237 -4.55 -6.40 21.99
N LEU A 238 -3.51 -6.04 22.75
CA LEU A 238 -3.39 -6.57 24.14
C LEU A 238 -4.59 -6.16 24.99
N LEU A 239 -4.96 -4.87 24.91
CA LEU A 239 -6.15 -4.39 25.65
C LEU A 239 -7.39 -5.14 25.17
N GLY A 240 -7.46 -5.51 23.91
CA GLY A 240 -8.58 -6.30 23.40
C GLY A 240 -8.59 -7.67 24.02
N SER A 241 -7.43 -8.31 24.06
CA SER A 241 -7.29 -9.75 24.40
C SER A 241 -7.83 -9.99 25.81
N VAL A 242 -7.46 -9.14 26.76
CA VAL A 242 -7.97 -9.27 28.14
C VAL A 242 -9.48 -9.10 28.16
N ILE A 243 -10.00 -8.12 27.44
CA ILE A 243 -11.46 -7.87 27.38
C ILE A 243 -12.14 -9.09 26.76
N ALA A 244 -11.47 -9.77 25.83
CA ALA A 244 -12.00 -11.03 25.29
C ALA A 244 -12.00 -12.07 26.39
N ILE A 245 -10.87 -12.28 27.04
CA ILE A 245 -10.70 -13.47 27.93
C ILE A 245 -11.70 -13.35 29.08
N GLY A 246 -11.71 -12.22 29.76
CA GLY A 246 -12.73 -11.98 30.80
C GLY A 246 -14.13 -12.05 30.21
N GLY A 247 -14.31 -11.43 29.06
CA GLY A 247 -15.62 -11.46 28.38
C GLY A 247 -16.08 -12.88 28.12
N PHE A 248 -15.14 -13.81 27.97
CA PHE A 248 -15.50 -15.24 27.91
C PHE A 248 -15.62 -15.80 29.32
N SER A 249 -14.59 -15.59 30.15
CA SER A 249 -14.47 -16.25 31.47
C SER A 249 -15.68 -15.92 32.35
N LEU A 250 -16.09 -14.66 32.36
CA LEU A 250 -17.28 -14.23 33.12
C LEU A 250 -18.52 -14.88 32.51
N SER A 251 -18.64 -14.86 31.20
CA SER A 251 -19.95 -15.16 30.52
C SER A 251 -20.46 -16.54 30.92
N VAL A 252 -19.71 -17.58 30.58
CA VAL A 252 -20.11 -18.97 30.90
C VAL A 252 -20.30 -19.12 32.42
N LEU A 253 -19.46 -18.45 33.20
CA LEU A 253 -19.48 -18.60 34.67
C LEU A 253 -20.83 -18.19 35.24
N LEU A 254 -21.57 -17.32 34.55
CA LEU A 254 -22.85 -16.85 35.12
C LEU A 254 -23.98 -17.78 34.70
N ILE A 255 -23.89 -18.47 33.57
CA ILE A 255 -24.97 -19.40 33.14
C ILE A 255 -24.46 -20.83 33.11
N VAL A 256 -23.39 -21.11 32.37
CA VAL A 256 -22.92 -22.52 32.20
C VAL A 256 -22.68 -23.16 33.57
N LEU A 257 -22.37 -22.35 34.58
CA LEU A 257 -22.37 -22.84 35.98
C LEU A 257 -23.77 -22.71 36.60
N ARG A 258 -24.48 -21.63 36.32
CA ARG A 258 -25.70 -21.26 37.08
C ARG A 258 -26.89 -21.10 36.15
N LEU A 259 -27.77 -22.10 36.12
CA LEU A 259 -28.98 -22.06 35.25
C LEU A 259 -30.18 -21.60 36.09
N ALA A 260 -30.56 -22.38 37.09
CA ALA A 260 -31.79 -22.14 37.87
C ALA A 260 -31.41 -21.63 39.27
N LEU A 261 -30.24 -21.96 39.77
CA LEU A 261 -29.77 -21.43 41.06
C LEU A 261 -29.22 -20.01 40.85
N GLY A 262 -28.98 -19.59 39.61
CA GLY A 262 -28.30 -18.31 39.38
C GLY A 262 -29.02 -17.29 38.51
N PRO A 263 -30.36 -17.09 38.62
CA PRO A 263 -30.96 -15.86 38.11
C PRO A 263 -30.40 -14.61 38.82
N GLN A 264 -30.09 -14.75 40.11
CA GLN A 264 -29.43 -13.69 40.91
C GLN A 264 -30.42 -12.54 41.11
N TRP A 265 -30.01 -11.44 41.74
CA TRP A 265 -30.94 -10.41 42.22
C TRP A 265 -31.56 -9.66 41.02
N ALA A 266 -30.76 -9.20 40.08
CA ALA A 266 -31.27 -8.25 39.07
C ALA A 266 -31.76 -9.00 37.82
N ALA A 267 -30.83 -9.55 37.06
CA ALA A 267 -31.10 -10.15 35.73
C ALA A 267 -29.85 -10.91 35.27
N GLU A 268 -30.00 -12.18 34.91
CA GLU A 268 -28.85 -12.93 34.33
C GLU A 268 -28.74 -12.64 32.84
N GLY A 269 -29.86 -12.48 32.14
CA GLY A 269 -29.87 -12.15 30.70
C GLY A 269 -29.22 -10.82 30.39
N VAL A 270 -29.44 -9.82 31.23
CA VAL A 270 -28.78 -8.49 31.04
C VAL A 270 -27.27 -8.67 31.13
N PHE A 271 -26.79 -9.47 32.08
CA PHE A 271 -25.34 -9.68 32.25
C PHE A 271 -24.80 -10.59 31.15
N MET A 272 -25.63 -11.45 30.57
CA MET A 272 -25.24 -12.16 29.32
C MET A 272 -25.02 -11.17 28.18
N LEU A 273 -25.95 -10.23 27.99
CA LEU A 273 -25.77 -9.20 26.94
C LEU A 273 -24.47 -8.43 27.23
N PHE A 274 -24.26 -8.11 28.49
CA PHE A 274 -23.04 -7.40 28.94
C PHE A 274 -21.77 -8.18 28.55
N ALA A 275 -21.75 -9.47 28.87
CA ALA A 275 -20.52 -10.27 28.75
C ALA A 275 -20.25 -10.54 27.27
N VAL A 276 -21.26 -10.95 26.53
CA VAL A 276 -21.04 -11.27 25.08
C VAL A 276 -20.72 -9.96 24.35
N LEU A 277 -21.26 -8.84 24.82
CA LEU A 277 -20.95 -7.52 24.23
C LEU A 277 -19.46 -7.22 24.43
N PHE A 278 -18.93 -7.41 25.63
CA PHE A 278 -17.46 -7.15 25.79
C PHE A 278 -16.66 -8.20 25.07
N THR A 279 -17.18 -9.40 24.89
CA THR A 279 -16.48 -10.41 24.04
C THR A 279 -16.33 -9.88 22.60
N PHE A 280 -17.42 -9.33 22.07
CA PHE A 280 -17.39 -8.76 20.71
C PHE A 280 -16.49 -7.53 20.65
N ILE A 281 -16.50 -6.73 21.70
CA ILE A 281 -15.62 -5.52 21.75
C ILE A 281 -14.16 -5.97 21.72
N GLY A 282 -13.82 -7.00 22.50
CA GLY A 282 -12.46 -7.53 22.49
C GLY A 282 -12.07 -8.07 21.14
N ALA A 283 -12.97 -8.79 20.50
CA ALA A 283 -12.71 -9.34 19.15
C ALA A 283 -12.46 -8.19 18.17
N GLN A 284 -13.25 -7.12 18.28
CA GLN A 284 -13.08 -5.95 17.40
C GLN A 284 -11.71 -5.31 17.63
N PHE A 285 -11.30 -5.20 18.88
CA PHE A 285 -9.96 -4.63 19.19
C PHE A 285 -8.85 -5.50 18.61
N ILE A 286 -9.00 -6.81 18.70
CA ILE A 286 -7.95 -7.72 18.16
C ILE A 286 -7.91 -7.58 16.63
N GLY A 287 -9.07 -7.48 16.00
CA GLY A 287 -9.12 -7.30 14.54
C GLY A 287 -8.46 -6.00 14.13
N MET A 288 -8.74 -4.93 14.86
CA MET A 288 -8.10 -3.63 14.56
C MET A 288 -6.58 -3.73 14.77
N GLY A 289 -6.16 -4.47 15.78
CA GLY A 289 -4.72 -4.69 15.96
C GLY A 289 -4.08 -5.41 14.79
N LEU A 290 -4.71 -6.46 14.28
CA LEU A 290 -4.16 -7.19 13.13
C LEU A 290 -4.12 -6.30 11.91
N LEU A 291 -5.18 -5.53 11.68
CA LEU A 291 -5.18 -4.58 10.55
C LEU A 291 -4.02 -3.61 10.71
N GLY A 292 -3.83 -3.10 11.92
CA GLY A 292 -2.74 -2.15 12.18
C GLY A 292 -1.40 -2.79 11.92
N GLU A 293 -1.20 -4.03 12.31
CA GLU A 293 0.08 -4.74 12.09
C GLU A 293 0.38 -4.81 10.60
N TYR A 294 -0.59 -5.21 9.83
CA TYR A 294 -0.38 -5.38 8.36
C TYR A 294 -0.18 -4.03 7.69
N ILE A 295 -0.95 -3.04 8.12
CA ILE A 295 -0.83 -1.66 7.55
C ILE A 295 0.54 -1.10 7.92
N GLY A 296 1.02 -1.36 9.11
CA GLY A 296 2.35 -0.88 9.53
C GLY A 296 3.42 -1.52 8.70
N ARG A 297 3.30 -2.81 8.43
CA ARG A 297 4.30 -3.50 7.57
C ARG A 297 4.30 -2.87 6.19
N ILE A 298 3.11 -2.65 5.64
CA ILE A 298 3.00 -2.05 4.28
C ILE A 298 3.62 -0.66 4.29
N TYR A 299 3.35 0.13 5.31
CA TYR A 299 3.83 1.51 5.40
C TYR A 299 5.35 1.53 5.51
N ASN A 300 5.90 0.60 6.28
CA ASN A 300 7.36 0.54 6.46
C ASN A 300 7.99 0.15 5.13
N ASP A 301 7.40 -0.80 4.41
CA ASP A 301 7.99 -1.21 3.11
C ASP A 301 7.87 -0.10 2.08
N VAL A 302 6.74 0.56 1.99
CA VAL A 302 6.53 1.64 0.98
C VAL A 302 7.39 2.85 1.32
N ARG A 303 7.60 3.15 2.58
CA ARG A 303 8.41 4.34 2.98
C ARG A 303 9.86 4.24 2.44
N ALA A 304 10.43 3.04 2.43
CA ALA A 304 11.78 2.75 1.93
C ALA A 304 12.81 3.69 2.53
N ARG A 305 12.71 3.93 3.82
CA ARG A 305 13.72 4.77 4.52
C ARG A 305 15.04 4.02 4.53
N PRO A 306 16.17 4.70 4.32
CA PRO A 306 17.48 4.05 4.43
C PRO A 306 17.72 3.45 5.82
N ARG A 307 18.28 2.25 5.83
CA ARG A 307 18.34 1.38 7.03
C ARG A 307 19.53 1.72 7.91
N TYR A 308 20.49 2.45 7.40
CA TYR A 308 21.75 2.74 8.12
C TYR A 308 22.47 3.89 7.42
N PHE A 309 23.45 4.47 8.09
CA PHE A 309 24.39 5.43 7.47
C PHE A 309 25.79 4.92 7.72
N VAL A 310 26.49 4.49 6.67
CA VAL A 310 27.88 4.01 6.83
C VAL A 310 28.79 5.23 7.00
N GLN A 311 29.59 5.21 8.04
CA GLN A 311 30.42 6.40 8.44
C GLN A 311 31.77 6.29 7.76
N GLN A 312 32.38 5.09 7.77
CA GLN A 312 33.66 4.86 7.09
C GLN A 312 33.81 3.38 6.80
N VAL A 313 34.42 3.08 5.67
CA VAL A 313 34.77 1.67 5.30
C VAL A 313 36.28 1.60 5.15
N ILE A 314 36.91 0.69 5.85
CA ILE A 314 38.38 0.51 5.78
C ILE A 314 38.69 -0.77 5.03
N TYR A 315 39.34 -0.66 3.90
CA TYR A 315 39.72 -1.85 3.12
C TYR A 315 41.17 -2.21 3.43
N PRO A 316 41.49 -3.50 3.57
CA PRO A 316 42.86 -3.90 3.80
C PRO A 316 43.72 -3.74 2.54
N GLU A 317 45.01 -3.55 2.76
CA GLU A 317 45.99 -3.37 1.67
C GLU A 317 46.15 -4.70 0.91
N ASP B 3 9.74 29.95 -20.80
CA ASP B 3 10.57 29.38 -21.91
C ASP B 3 10.19 27.92 -22.13
N ALA B 4 9.73 27.58 -23.33
CA ALA B 4 9.32 26.20 -23.67
C ALA B 4 9.77 25.88 -25.10
N ALA B 5 9.93 24.60 -25.36
CA ALA B 5 10.31 24.09 -26.69
C ALA B 5 9.20 24.39 -27.68
N PRO B 6 9.55 24.72 -28.94
CA PRO B 6 8.54 24.99 -29.94
C PRO B 6 7.74 23.72 -30.30
N ILE B 7 6.48 23.93 -30.64
CA ILE B 7 5.54 22.83 -30.95
C ILE B 7 5.54 22.63 -32.46
N LYS B 8 5.86 21.43 -32.91
CA LYS B 8 5.95 21.11 -34.34
C LYS B 8 4.85 20.15 -34.80
N LYS B 9 4.34 19.29 -33.92
CA LYS B 9 3.30 18.33 -34.32
C LYS B 9 2.19 18.30 -33.28
N VAL B 10 0.96 18.24 -33.77
CA VAL B 10 -0.25 18.18 -32.93
C VAL B 10 -0.94 16.84 -33.16
N SER B 11 -1.16 16.10 -32.09
CA SER B 11 -1.88 14.82 -32.10
C SER B 11 -3.23 15.01 -31.43
N VAL B 12 -4.33 14.73 -32.13
CA VAL B 12 -5.69 14.85 -31.56
C VAL B 12 -6.16 13.44 -31.19
N VAL B 13 -6.51 13.27 -29.93
CA VAL B 13 -6.96 11.98 -29.37
C VAL B 13 -8.46 12.05 -29.18
N ILE B 14 -9.19 11.19 -29.85
CA ILE B 14 -10.68 11.21 -29.81
C ILE B 14 -11.16 9.83 -29.44
N PRO B 15 -11.62 9.61 -28.21
CA PRO B 15 -12.24 8.34 -27.84
C PRO B 15 -13.65 8.24 -28.45
N VAL B 16 -13.86 7.15 -29.18
CA VAL B 16 -15.12 6.92 -29.93
C VAL B 16 -15.82 5.72 -29.34
N TYR B 17 -17.10 5.87 -29.06
CA TYR B 17 -17.94 4.76 -28.54
C TYR B 17 -19.36 4.97 -29.02
N ASN B 18 -19.73 4.22 -30.05
CA ASN B 18 -21.12 4.21 -30.61
C ASN B 18 -21.46 5.62 -31.06
N GLU B 19 -20.71 6.13 -32.03
CA GLU B 19 -20.91 7.52 -32.53
C GLU B 19 -21.02 7.51 -34.05
N GLN B 20 -21.56 6.45 -34.63
CA GLN B 20 -21.49 6.24 -36.10
C GLN B 20 -22.21 7.34 -36.88
N GLU B 21 -23.13 8.07 -36.24
CA GLU B 21 -23.81 9.20 -36.89
C GLU B 21 -22.97 10.47 -36.74
N SER B 22 -21.88 10.48 -35.98
CA SER B 22 -21.08 11.70 -35.74
C SER B 22 -19.69 11.61 -36.35
N LEU B 23 -19.21 10.41 -36.72
CA LEU B 23 -17.82 10.29 -37.22
C LEU B 23 -17.61 11.09 -38.50
N PRO B 24 -18.49 11.07 -39.52
CA PRO B 24 -18.17 11.81 -40.75
C PRO B 24 -17.98 13.32 -40.51
N GLU B 25 -18.94 13.94 -39.83
CA GLU B 25 -18.87 15.40 -39.58
C GLU B 25 -17.68 15.71 -38.69
N LEU B 26 -17.47 14.90 -37.66
CA LEU B 26 -16.35 15.14 -36.72
C LEU B 26 -15.03 15.02 -37.46
N ILE B 27 -14.88 14.02 -38.31
CA ILE B 27 -13.61 13.82 -39.04
C ILE B 27 -13.39 14.99 -39.98
N ARG B 28 -14.43 15.41 -40.69
CA ARG B 28 -14.28 16.50 -41.67
C ARG B 28 -13.88 17.80 -40.94
N ARG B 29 -14.59 18.12 -39.88
CA ARG B 29 -14.33 19.39 -39.15
C ARG B 29 -12.96 19.36 -38.50
N THR B 30 -12.58 18.24 -37.89
CA THR B 30 -11.25 18.14 -37.24
C THR B 30 -10.14 18.21 -38.30
N THR B 31 -10.35 17.60 -39.45
CA THR B 31 -9.37 17.68 -40.55
C THR B 31 -9.21 19.13 -40.99
N THR B 32 -10.31 19.84 -41.16
CA THR B 32 -10.24 21.27 -41.59
C THR B 32 -9.51 22.09 -40.54
N ALA B 33 -9.83 21.89 -39.27
CA ALA B 33 -9.20 22.66 -38.18
C ALA B 33 -7.69 22.38 -38.14
N CYS B 34 -7.31 21.12 -38.25
CA CYS B 34 -5.88 20.75 -38.16
C CYS B 34 -5.13 21.23 -39.39
N GLU B 35 -5.77 21.23 -40.55
CA GLU B 35 -5.13 21.78 -41.78
C GLU B 35 -4.93 23.28 -41.62
N SER B 36 -5.88 23.97 -40.98
CA SER B 36 -5.74 25.43 -40.72
C SER B 36 -4.82 25.65 -39.52
N LEU B 37 -3.63 25.09 -39.51
CA LEU B 37 -2.69 25.26 -38.38
C LEU B 37 -1.28 25.56 -38.89
N GLY B 38 -0.92 25.03 -40.05
CA GLY B 38 0.45 25.15 -40.58
C GLY B 38 1.45 24.35 -39.76
N LYS B 39 1.00 23.22 -39.21
CA LYS B 39 1.87 22.27 -38.48
C LYS B 39 1.51 20.86 -38.92
N ALA B 40 2.44 19.95 -38.67
CA ALA B 40 2.19 18.51 -38.83
C ALA B 40 1.11 18.10 -37.84
N TRP B 41 0.12 17.35 -38.31
CA TRP B 41 -1.01 16.95 -37.44
C TRP B 41 -1.39 15.50 -37.67
N GLU B 42 -2.03 14.92 -36.68
CA GLU B 42 -2.58 13.57 -36.77
C GLU B 42 -3.76 13.43 -35.82
N ILE B 43 -4.73 12.60 -36.21
CA ILE B 43 -5.95 12.38 -35.42
C ILE B 43 -5.99 10.92 -35.02
N LEU B 44 -5.96 10.66 -33.72
CA LEU B 44 -6.01 9.29 -33.19
C LEU B 44 -7.44 8.98 -32.76
N LEU B 45 -8.16 8.22 -33.58
CA LEU B 45 -9.52 7.77 -33.23
C LEU B 45 -9.41 6.42 -32.53
N ILE B 46 -9.97 6.33 -31.34
CA ILE B 46 -9.90 5.10 -30.52
C ILE B 46 -11.31 4.53 -30.39
N ASP B 47 -11.48 3.28 -30.82
CA ASP B 47 -12.78 2.59 -30.74
C ASP B 47 -12.86 1.85 -29.42
N ASP B 48 -13.75 2.29 -28.54
CA ASP B 48 -13.91 1.69 -27.21
C ASP B 48 -14.92 0.53 -27.26
N GLY B 49 -14.69 -0.43 -28.14
CA GLY B 49 -15.59 -1.59 -28.26
C GLY B 49 -16.98 -1.20 -28.71
N SER B 50 -17.11 -0.35 -29.72
CA SER B 50 -18.40 0.09 -30.26
C SER B 50 -19.14 -1.10 -30.86
N SER B 51 -20.44 -1.19 -30.61
CA SER B 51 -21.30 -2.24 -31.17
C SER B 51 -21.81 -1.87 -32.57
N ASP B 52 -21.76 -0.60 -32.93
CA ASP B 52 -22.29 -0.13 -34.23
C ASP B 52 -21.17 -0.10 -35.26
N SER B 53 -21.38 0.60 -36.38
CA SER B 53 -20.45 0.63 -37.53
C SER B 53 -19.34 1.65 -37.34
N SER B 54 -19.08 2.10 -36.11
CA SER B 54 -18.05 3.14 -35.86
C SER B 54 -16.67 2.65 -36.30
N ALA B 55 -16.35 1.39 -36.01
CA ALA B 55 -15.03 0.82 -36.32
C ALA B 55 -14.82 0.81 -37.83
N GLU B 56 -15.86 0.47 -38.61
CA GLU B 56 -15.74 0.44 -40.08
C GLU B 56 -15.46 1.85 -40.60
N LEU B 57 -16.15 2.85 -40.07
CA LEU B 57 -15.92 4.25 -40.50
C LEU B 57 -14.51 4.69 -40.16
N MET B 58 -14.04 4.33 -38.96
CA MET B 58 -12.66 4.71 -38.54
C MET B 58 -11.66 4.04 -39.50
N VAL B 59 -11.88 2.77 -39.84
CA VAL B 59 -10.91 2.05 -40.70
C VAL B 59 -10.94 2.68 -42.09
N LYS B 60 -12.12 3.00 -42.60
CA LYS B 60 -12.22 3.63 -43.94
C LYS B 60 -11.52 4.99 -43.93
N ALA B 61 -11.69 5.77 -42.87
CA ALA B 61 -11.03 7.09 -42.75
C ALA B 61 -9.51 6.92 -42.70
N SER B 62 -9.03 5.94 -41.96
CA SER B 62 -7.57 5.69 -41.83
C SER B 62 -6.99 5.18 -43.15
N GLN B 63 -7.77 4.46 -43.94
CA GLN B 63 -7.24 3.81 -45.17
C GLN B 63 -7.37 4.74 -46.38
N GLU B 64 -7.92 5.95 -46.22
CA GLU B 64 -8.07 6.87 -47.36
C GLU B 64 -6.70 7.35 -47.85
N ALA B 65 -6.72 7.97 -49.02
CA ALA B 65 -5.54 8.61 -49.63
C ALA B 65 -5.03 9.73 -48.73
N ASP B 66 -3.71 9.87 -48.64
CA ASP B 66 -2.97 10.95 -47.95
C ASP B 66 -3.70 11.44 -46.69
N SER B 67 -4.12 10.51 -45.86
CA SER B 67 -4.86 10.79 -44.61
C SER B 67 -3.90 10.83 -43.43
N HIS B 68 -4.31 11.51 -42.37
CA HIS B 68 -3.51 11.63 -41.12
C HIS B 68 -4.25 11.03 -39.95
N ILE B 69 -5.05 9.99 -40.18
CA ILE B 69 -5.92 9.41 -39.14
C ILE B 69 -5.37 8.04 -38.77
N ILE B 70 -5.18 7.82 -37.47
CA ILE B 70 -4.75 6.52 -36.90
C ILE B 70 -5.93 5.94 -36.15
N SER B 71 -6.34 4.75 -36.55
CA SER B 71 -7.47 4.03 -35.91
C SER B 71 -6.88 3.03 -34.92
N ILE B 72 -7.26 3.13 -33.67
CA ILE B 72 -6.84 2.18 -32.62
C ILE B 72 -8.09 1.47 -32.14
N LEU B 73 -8.20 0.18 -32.45
CA LEU B 73 -9.39 -0.62 -32.12
C LEU B 73 -9.12 -1.39 -30.83
N LEU B 74 -9.99 -1.24 -29.86
CA LEU B 74 -9.94 -2.04 -28.63
C LEU B 74 -10.92 -3.20 -28.77
N ASN B 75 -10.54 -4.36 -28.26
CA ASN B 75 -11.33 -5.60 -28.44
C ASN B 75 -12.68 -5.47 -27.74
N ARG B 76 -12.79 -4.70 -26.68
CA ARG B 76 -14.07 -4.52 -25.97
C ARG B 76 -14.12 -3.14 -25.34
N ASN B 77 -15.21 -2.86 -24.65
CA ASN B 77 -15.41 -1.56 -23.97
C ASN B 77 -14.55 -1.48 -22.72
N TYR B 78 -13.83 -0.38 -22.55
CA TYR B 78 -12.97 -0.19 -21.35
C TYR B 78 -13.21 1.14 -20.66
N GLY B 79 -13.93 2.08 -21.26
CA GLY B 79 -14.18 3.39 -20.63
C GLY B 79 -13.48 4.51 -21.34
N GLN B 80 -13.92 5.74 -21.10
CA GLN B 80 -13.28 6.93 -21.75
C GLN B 80 -11.84 7.01 -21.26
N HIS B 81 -11.58 6.79 -19.96
CA HIS B 81 -10.22 6.94 -19.42
C HIS B 81 -9.26 5.96 -20.07
N ALA B 82 -9.65 4.71 -20.16
CA ALA B 82 -8.78 3.66 -20.76
C ALA B 82 -8.57 3.94 -22.25
N ALA B 83 -9.60 4.37 -22.97
CA ALA B 83 -9.44 4.70 -24.39
C ALA B 83 -8.51 5.89 -24.56
N ILE B 84 -8.63 6.90 -23.71
CA ILE B 84 -7.76 8.10 -23.80
C ILE B 84 -6.33 7.71 -23.48
N MET B 85 -6.12 6.85 -22.52
CA MET B 85 -4.73 6.44 -22.19
C MET B 85 -4.18 5.56 -23.28
N ALA B 86 -5.00 4.73 -23.90
CA ALA B 86 -4.57 3.91 -25.07
C ALA B 86 -4.16 4.84 -26.20
N GLY B 87 -4.91 5.90 -26.43
CA GLY B 87 -4.53 6.89 -27.45
C GLY B 87 -3.24 7.57 -27.06
N PHE B 88 -3.06 7.90 -25.79
CA PHE B 88 -1.81 8.56 -25.31
C PHE B 88 -0.62 7.67 -25.57
N SER B 89 -0.80 6.36 -25.41
CA SER B 89 0.30 5.39 -25.62
C SER B 89 0.77 5.38 -27.08
N HIS B 90 0.02 5.92 -28.02
CA HIS B 90 0.36 5.84 -29.46
C HIS B 90 0.60 7.22 -30.08
N VAL B 91 0.54 8.29 -29.31
CA VAL B 91 0.73 9.64 -29.92
C VAL B 91 2.20 9.83 -30.29
N SER B 92 2.43 10.72 -31.24
CA SER B 92 3.78 11.07 -31.72
C SER B 92 4.01 12.58 -31.77
N GLY B 93 2.98 13.40 -31.59
CA GLY B 93 3.12 14.86 -31.71
C GLY B 93 3.67 15.50 -30.46
N ASP B 94 4.03 16.78 -30.58
CA ASP B 94 4.54 17.55 -29.43
C ASP B 94 3.37 17.97 -28.54
N LEU B 95 2.23 18.33 -29.12
CA LEU B 95 1.06 18.79 -28.33
C LEU B 95 -0.10 17.84 -28.59
N ILE B 96 -0.68 17.33 -27.53
CA ILE B 96 -1.80 16.36 -27.58
C ILE B 96 -3.07 17.07 -27.17
N ILE B 97 -4.08 17.00 -28.02
CA ILE B 97 -5.40 17.62 -27.76
C ILE B 97 -6.44 16.53 -27.57
N THR B 98 -7.10 16.52 -26.45
CA THR B 98 -8.24 15.61 -26.19
C THR B 98 -9.53 16.32 -26.55
N LEU B 99 -10.36 15.61 -27.32
CA LEU B 99 -11.58 16.18 -27.91
C LEU B 99 -12.74 15.23 -27.72
N ASP B 100 -13.93 15.78 -27.56
CA ASP B 100 -15.17 14.97 -27.51
C ASP B 100 -15.47 14.43 -28.91
N ALA B 101 -16.03 13.24 -28.97
CA ALA B 101 -16.40 12.58 -30.24
C ALA B 101 -17.83 12.91 -30.66
N ASP B 102 -18.62 13.53 -29.80
CA ASP B 102 -20.06 13.78 -30.06
C ASP B 102 -20.29 15.25 -30.44
N LEU B 103 -19.23 15.98 -30.80
CA LEU B 103 -19.28 17.36 -31.33
C LEU B 103 -19.87 18.32 -30.31
N GLN B 104 -19.82 17.99 -29.02
CA GLN B 104 -20.21 18.95 -27.96
C GLN B 104 -19.22 20.11 -27.96
N ASN B 105 -17.94 19.82 -28.10
CA ASN B 105 -16.90 20.87 -28.17
C ASN B 105 -16.50 21.01 -29.62
N PRO B 106 -16.74 22.18 -30.26
CA PRO B 106 -16.46 22.30 -31.69
C PRO B 106 -14.97 22.13 -31.96
N PRO B 107 -14.59 21.36 -33.00
CA PRO B 107 -13.18 21.24 -33.36
C PRO B 107 -12.54 22.55 -33.81
N GLU B 108 -13.33 23.54 -34.20
CA GLU B 108 -12.78 24.83 -34.69
C GLU B 108 -12.09 25.60 -33.55
N GLU B 109 -12.29 25.18 -32.30
CA GLU B 109 -11.57 25.77 -31.15
C GLU B 109 -10.13 25.24 -31.06
N ILE B 110 -9.76 24.25 -31.87
CA ILE B 110 -8.43 23.62 -31.73
C ILE B 110 -7.32 24.63 -31.96
N PRO B 111 -7.33 25.47 -33.02
CA PRO B 111 -6.24 26.43 -33.18
C PRO B 111 -6.03 27.35 -31.97
N ARG B 112 -7.12 27.80 -31.34
CA ARG B 112 -7.02 28.72 -30.20
C ARG B 112 -6.23 28.06 -29.06
N LEU B 113 -6.44 26.76 -28.84
CA LEU B 113 -5.63 26.03 -27.84
C LEU B 113 -4.15 26.04 -28.27
N VAL B 114 -3.90 25.75 -29.53
CA VAL B 114 -2.50 25.58 -30.00
C VAL B 114 -1.74 26.89 -29.78
N ALA B 115 -2.34 28.01 -30.16
CA ALA B 115 -1.71 29.33 -29.94
C ALA B 115 -1.43 29.51 -28.45
N LYS B 116 -2.37 29.16 -27.60
CA LYS B 116 -2.17 29.27 -26.13
C LYS B 116 -1.06 28.32 -25.70
N ALA B 117 -0.90 27.19 -26.36
CA ALA B 117 0.19 26.26 -26.04
C ALA B 117 1.52 26.84 -26.56
N ASP B 118 1.49 27.74 -27.52
CA ASP B 118 2.73 28.35 -28.04
C ASP B 118 3.29 29.39 -27.09
N GLU B 119 2.49 29.90 -26.16
CA GLU B 119 2.95 30.92 -25.19
C GLU B 119 3.79 30.27 -24.09
N GLY B 120 3.79 28.96 -23.97
CA GLY B 120 4.63 28.24 -22.99
C GLY B 120 3.82 27.64 -21.86
N PHE B 121 2.59 27.25 -22.11
CA PHE B 121 1.75 26.57 -21.11
C PHE B 121 1.80 25.07 -21.34
N ASP B 122 2.05 24.30 -20.30
CA ASP B 122 2.02 22.83 -20.37
C ASP B 122 0.60 22.32 -20.56
N VAL B 123 -0.37 22.90 -19.87
CA VAL B 123 -1.77 22.45 -19.95
C VAL B 123 -2.64 23.67 -20.26
N VAL B 124 -3.49 23.54 -21.26
CA VAL B 124 -4.43 24.62 -21.66
C VAL B 124 -5.82 24.02 -21.63
N GLY B 125 -6.51 24.18 -20.52
CA GLY B 125 -7.90 23.75 -20.38
C GLY B 125 -8.87 24.72 -21.01
N THR B 126 -10.11 24.28 -21.11
CA THR B 126 -11.21 25.10 -21.65
C THR B 126 -12.31 25.18 -20.61
N VAL B 127 -12.89 26.36 -20.47
CA VAL B 127 -14.10 26.57 -19.64
C VAL B 127 -15.25 26.91 -20.58
N ARG B 128 -16.36 26.21 -20.39
CA ARG B 128 -17.54 26.38 -21.28
C ARG B 128 -18.33 27.58 -20.81
N GLN B 129 -18.61 28.50 -21.73
CA GLN B 129 -19.42 29.69 -21.37
C GLN B 129 -20.89 29.30 -21.31
N ASN B 130 -21.71 30.17 -20.73
CA ASN B 130 -23.20 30.15 -20.77
C ASN B 130 -23.73 28.72 -20.68
N ARG B 131 -23.18 27.95 -19.74
CA ARG B 131 -23.57 26.53 -19.55
C ARG B 131 -24.93 26.46 -18.86
N GLN B 132 -25.96 26.08 -19.59
CA GLN B 132 -27.34 26.08 -19.05
C GLN B 132 -27.71 24.67 -18.60
N ASP B 133 -28.05 24.53 -17.34
CA ASP B 133 -28.33 23.22 -16.70
C ASP B 133 -28.89 23.49 -15.30
N SER B 134 -29.08 22.44 -14.52
CA SER B 134 -29.59 22.55 -13.14
C SER B 134 -28.59 23.31 -12.27
N LEU B 135 -29.12 24.06 -11.31
CA LEU B 135 -28.30 24.87 -10.38
C LEU B 135 -27.47 23.95 -9.49
N PHE B 136 -27.93 22.74 -9.23
CA PHE B 136 -27.20 21.79 -8.37
C PHE B 136 -25.86 21.41 -9.01
N ARG B 137 -25.84 21.25 -10.33
CA ARG B 137 -24.57 21.07 -11.07
C ARG B 137 -23.69 22.31 -10.96
N LYS B 138 -24.26 23.50 -10.93
CA LYS B 138 -23.44 24.72 -10.69
C LYS B 138 -22.81 24.66 -9.30
N SER B 139 -23.58 24.26 -8.28
CA SER B 139 -23.03 24.15 -6.91
C SER B 139 -21.88 23.13 -6.89
N ALA B 140 -22.09 22.00 -7.57
CA ALA B 140 -21.06 20.95 -7.68
C ALA B 140 -19.82 21.53 -8.39
N SER B 141 -20.02 22.27 -9.45
CA SER B 141 -18.94 22.86 -10.28
C SER B 141 -18.12 23.80 -9.40
N LYS B 142 -18.77 24.71 -8.67
CA LYS B 142 -17.99 25.67 -7.85
C LYS B 142 -17.28 24.94 -6.70
N ILE B 143 -17.94 23.96 -6.08
CA ILE B 143 -17.29 23.31 -4.91
C ILE B 143 -16.08 22.50 -5.39
N ILE B 144 -16.20 21.86 -6.55
CA ILE B 144 -15.06 21.07 -7.08
C ILE B 144 -13.97 22.03 -7.56
N ASN B 145 -14.35 23.18 -8.10
CA ASN B 145 -13.36 24.20 -8.50
C ASN B 145 -12.56 24.63 -7.28
N LEU B 146 -13.24 24.95 -6.18
CA LEU B 146 -12.53 25.40 -4.95
C LEU B 146 -11.65 24.27 -4.42
N LEU B 147 -12.15 23.04 -4.42
CA LEU B 147 -11.35 21.91 -3.90
C LEU B 147 -10.10 21.71 -4.75
N ILE B 148 -10.23 21.75 -6.06
CA ILE B 148 -9.06 21.55 -6.96
C ILE B 148 -8.10 22.74 -6.80
N GLN B 149 -8.64 23.95 -6.65
CA GLN B 149 -7.78 25.13 -6.49
C GLN B 149 -6.97 25.02 -5.19
N ARG B 150 -7.61 24.61 -4.11
CA ARG B 150 -6.89 24.51 -2.81
C ARG B 150 -5.92 23.32 -2.86
N THR B 151 -6.21 22.27 -3.60
CA THR B 151 -5.36 21.06 -3.59
C THR B 151 -4.17 21.21 -4.55
N THR B 152 -4.43 21.40 -5.83
CA THR B 152 -3.38 21.38 -6.87
C THR B 152 -2.83 22.78 -7.14
N GLY B 153 -3.41 23.84 -6.57
CA GLY B 153 -2.90 25.20 -6.72
C GLY B 153 -3.39 25.86 -7.99
N LYS B 154 -3.26 25.19 -9.13
CA LYS B 154 -3.74 25.78 -10.40
C LYS B 154 -5.27 25.74 -10.40
N ALA B 155 -5.88 26.90 -10.55
CA ALA B 155 -7.36 27.03 -10.61
C ALA B 155 -7.89 26.36 -11.87
N MET B 156 -8.83 25.46 -11.69
CA MET B 156 -9.45 24.72 -12.80
C MET B 156 -10.97 24.78 -12.70
N GLY B 157 -11.61 25.18 -13.78
CA GLY B 157 -13.06 25.50 -13.77
C GLY B 157 -13.87 24.30 -14.20
N ASP B 158 -14.38 24.35 -15.41
CA ASP B 158 -15.18 23.25 -16.00
C ASP B 158 -14.37 21.96 -16.06
N TYR B 159 -14.96 20.87 -15.59
CA TYR B 159 -14.29 19.55 -15.60
C TYR B 159 -14.91 18.58 -16.60
N GLY B 160 -16.20 18.77 -16.90
CA GLY B 160 -16.90 17.89 -17.84
C GLY B 160 -16.38 18.07 -19.25
N CYS B 161 -15.86 19.25 -19.60
CA CYS B 161 -15.31 19.50 -20.94
C CYS B 161 -13.88 18.98 -21.01
N MET B 162 -13.67 17.91 -21.79
CA MET B 162 -12.33 17.29 -21.88
C MET B 162 -11.59 17.76 -23.12
N LEU B 163 -12.07 18.81 -23.79
CA LEU B 163 -11.29 19.49 -24.84
C LEU B 163 -10.13 20.19 -24.17
N ARG B 164 -8.96 19.56 -24.18
CA ARG B 164 -7.81 20.07 -23.46
C ARG B 164 -6.55 19.87 -24.30
N ALA B 165 -5.52 20.63 -23.99
CA ALA B 165 -4.20 20.54 -24.63
C ALA B 165 -3.16 20.20 -23.58
N TYR B 166 -2.31 19.25 -23.88
CA TYR B 166 -1.20 18.83 -22.99
C TYR B 166 0.09 18.81 -23.79
N ARG B 167 1.18 19.16 -23.16
CA ARG B 167 2.50 19.02 -23.78
C ARG B 167 2.92 17.55 -23.67
N ARG B 168 3.80 17.13 -24.57
CA ARG B 168 4.22 15.72 -24.63
C ARG B 168 4.86 15.28 -23.31
N PRO B 169 5.75 16.05 -22.64
CA PRO B 169 6.25 15.64 -21.33
C PRO B 169 5.17 15.32 -20.29
N ILE B 170 4.07 16.06 -20.31
CA ILE B 170 2.95 15.83 -19.35
C ILE B 170 2.33 14.47 -19.67
N ILE B 171 2.15 14.17 -20.95
CA ILE B 171 1.54 12.88 -21.36
C ILE B 171 2.49 11.75 -20.95
N ASP B 172 3.79 11.94 -21.17
CA ASP B 172 4.77 10.89 -20.84
C ASP B 172 4.76 10.65 -19.34
N THR B 173 4.72 11.71 -18.55
CA THR B 173 4.70 11.58 -17.07
C THR B 173 3.43 10.87 -16.64
N MET B 174 2.30 11.21 -17.25
CA MET B 174 1.01 10.58 -16.89
C MET B 174 1.05 9.10 -17.24
N LEU B 175 1.65 8.73 -18.36
CA LEU B 175 1.74 7.31 -18.75
C LEU B 175 2.65 6.58 -17.77
N ARG B 176 3.75 7.22 -17.38
CA ARG B 176 4.75 6.59 -16.48
C ARG B 176 4.32 6.73 -15.03
N CYS B 177 3.26 7.45 -14.74
CA CYS B 177 2.82 7.71 -13.34
C CYS B 177 2.34 6.41 -12.69
N HIS B 178 2.39 6.39 -11.37
CA HIS B 178 1.94 5.23 -10.56
C HIS B 178 0.44 5.25 -10.32
N GLU B 179 -0.23 6.36 -10.63
CA GLU B 179 -1.70 6.44 -10.47
C GLU B 179 -2.33 5.93 -11.77
N ARG B 180 -3.42 5.19 -11.65
CA ARG B 180 -4.04 4.53 -12.81
C ARG B 180 -5.43 5.07 -13.08
N SER B 181 -6.29 5.11 -12.07
CA SER B 181 -7.72 5.42 -12.26
C SER B 181 -8.01 6.90 -12.00
N THR B 182 -7.01 7.73 -11.80
CA THR B 182 -7.23 9.14 -11.46
C THR B 182 -7.74 9.89 -12.69
N PHE B 183 -8.46 10.97 -12.44
CA PHE B 183 -9.08 11.76 -13.51
C PHE B 183 -8.00 12.53 -14.25
N ILE B 184 -8.02 12.45 -15.57
CA ILE B 184 -6.85 12.86 -16.39
C ILE B 184 -6.61 14.37 -16.27
N PRO B 185 -7.61 15.27 -16.41
CA PRO B 185 -7.33 16.68 -16.21
C PRO B 185 -6.74 17.05 -14.83
N ILE B 186 -7.20 16.37 -13.79
CA ILE B 186 -6.64 16.59 -12.43
C ILE B 186 -5.18 16.17 -12.42
N LEU B 187 -4.86 15.03 -13.00
CA LEU B 187 -3.47 14.53 -13.03
C LEU B 187 -2.60 15.49 -13.83
N ALA B 188 -3.11 16.01 -14.92
CA ALA B 188 -2.34 16.97 -15.75
C ALA B 188 -2.09 18.24 -14.95
N ASN B 189 -3.10 18.74 -14.22
CA ASN B 189 -2.90 19.94 -13.40
C ASN B 189 -1.86 19.64 -12.31
N ILE B 190 -1.86 18.46 -11.78
CA ILE B 190 -0.88 18.08 -10.72
C ILE B 190 0.53 18.10 -11.31
N PHE B 191 0.72 17.57 -12.50
CA PHE B 191 2.07 17.48 -13.10
C PHE B 191 2.41 18.69 -13.97
N ALA B 192 1.51 19.66 -14.11
CA ALA B 192 1.76 20.82 -14.99
C ALA B 192 2.76 21.77 -14.34
N ARG B 193 3.64 22.34 -15.13
CA ARG B 193 4.52 23.45 -14.67
C ARG B 193 3.74 24.76 -14.78
N ARG B 194 3.28 25.09 -15.98
CA ARG B 194 2.40 26.26 -16.18
C ARG B 194 1.11 25.80 -16.84
N ALA B 195 -0.02 26.06 -16.22
CA ALA B 195 -1.34 25.71 -16.75
C ALA B 195 -2.20 26.95 -16.88
N THR B 196 -3.10 26.94 -17.83
CA THR B 196 -4.05 28.04 -18.05
C THR B 196 -5.37 27.50 -18.56
N GLU B 197 -6.33 28.39 -18.71
CA GLU B 197 -7.66 28.05 -19.23
C GLU B 197 -8.11 29.15 -20.19
N ILE B 198 -8.93 28.76 -21.16
CA ILE B 198 -9.50 29.71 -22.14
C ILE B 198 -10.99 29.49 -22.20
N PRO B 199 -11.80 30.52 -22.50
CA PRO B 199 -13.25 30.33 -22.65
C PRO B 199 -13.63 29.82 -24.04
N VAL B 200 -14.55 28.87 -24.08
CA VAL B 200 -15.02 28.27 -25.34
C VAL B 200 -16.53 28.27 -25.34
N HIS B 201 -17.09 28.17 -26.55
CA HIS B 201 -18.56 28.13 -26.74
C HIS B 201 -18.98 26.71 -27.10
N HIS B 202 -19.92 26.18 -26.32
CA HIS B 202 -20.39 24.77 -26.50
C HIS B 202 -21.74 24.77 -27.19
N ALA B 203 -21.92 23.83 -28.10
CA ALA B 203 -23.16 23.69 -28.90
C ALA B 203 -24.32 23.27 -27.99
N GLU B 204 -24.05 22.34 -27.07
CA GLU B 204 -25.09 21.81 -26.16
C GLU B 204 -24.41 21.17 -24.95
N SER B 213 -28.23 11.03 -12.95
CA SER B 213 -28.98 10.71 -11.71
C SER B 213 -28.41 11.50 -10.53
N PHE B 214 -28.42 10.91 -9.34
CA PHE B 214 -27.87 11.54 -8.14
C PHE B 214 -26.80 10.65 -7.51
N MET B 215 -26.96 9.34 -7.61
CA MET B 215 -25.93 8.40 -7.10
C MET B 215 -24.60 8.59 -7.84
N ARG B 216 -24.69 8.79 -9.14
CA ARG B 216 -23.47 9.03 -9.96
C ARG B 216 -22.75 10.29 -9.47
N LEU B 217 -23.49 11.33 -9.11
CA LEU B 217 -22.86 12.58 -8.64
C LEU B 217 -22.10 12.32 -7.33
N ILE B 218 -22.69 11.59 -6.40
CA ILE B 218 -21.99 11.35 -5.11
C ILE B 218 -20.81 10.41 -5.36
N ASN B 219 -20.94 9.46 -6.26
CA ASN B 219 -19.79 8.58 -6.61
C ASN B 219 -18.65 9.41 -7.19
N LEU B 220 -18.96 10.35 -8.07
CA LEU B 220 -17.93 11.23 -8.66
C LEU B 220 -17.33 12.11 -7.57
N MET B 221 -18.13 12.61 -6.63
CA MET B 221 -17.60 13.43 -5.53
C MET B 221 -16.59 12.61 -4.70
N TYR B 222 -16.96 11.39 -4.34
CA TYR B 222 -16.05 10.52 -3.56
C TYR B 222 -14.79 10.22 -4.36
N ASP B 223 -14.93 9.97 -5.65
CA ASP B 223 -13.77 9.65 -6.52
C ASP B 223 -12.83 10.84 -6.58
N LEU B 224 -13.35 12.04 -6.80
CA LEU B 224 -12.48 13.23 -6.94
C LEU B 224 -11.84 13.59 -5.60
N VAL B 225 -12.59 13.48 -4.52
CA VAL B 225 -12.02 13.82 -3.18
C VAL B 225 -10.91 12.84 -2.86
N THR B 226 -11.07 11.57 -3.20
CA THR B 226 -10.05 10.56 -2.89
C THR B 226 -8.84 10.74 -3.79
N CYS B 227 -9.03 11.15 -5.04
CA CYS B 227 -7.88 11.37 -5.95
C CYS B 227 -7.08 12.60 -5.52
N LEU B 228 -7.74 13.65 -5.07
CA LEU B 228 -7.03 14.93 -4.82
C LEU B 228 -6.21 14.84 -3.54
N THR B 229 -6.84 14.63 -2.41
CA THR B 229 -6.19 14.86 -1.10
C THR B 229 -6.52 13.71 -0.16
N THR B 230 -5.70 13.61 0.88
CA THR B 230 -5.92 12.71 2.04
C THR B 230 -6.45 13.51 3.22
N THR B 231 -6.75 14.79 3.03
CA THR B 231 -7.32 15.63 4.10
C THR B 231 -8.54 15.00 4.77
N PRO B 232 -9.51 14.40 4.05
CA PRO B 232 -10.63 13.75 4.71
C PRO B 232 -10.23 12.69 5.74
N LEU B 233 -9.10 12.03 5.54
CA LEU B 233 -8.61 11.06 6.56
C LEU B 233 -8.22 11.82 7.82
N ARG B 234 -7.55 12.95 7.70
CA ARG B 234 -7.18 13.75 8.89
C ARG B 234 -8.46 14.23 9.55
N LEU B 235 -9.43 14.68 8.77
CA LEU B 235 -10.73 15.12 9.35
C LEU B 235 -11.34 13.95 10.09
N LEU B 236 -11.32 12.75 9.53
CA LEU B 236 -11.88 11.56 10.20
C LEU B 236 -11.18 11.37 11.54
N SER B 237 -9.86 11.46 11.56
CA SER B 237 -9.08 11.26 12.80
C SER B 237 -9.51 12.31 13.83
N LEU B 238 -9.61 13.57 13.40
CA LEU B 238 -9.96 14.67 14.33
C LEU B 238 -11.37 14.44 14.88
N LEU B 239 -12.32 14.18 14.03
CA LEU B 239 -13.72 13.96 14.48
C LEU B 239 -13.77 12.72 15.35
N GLY B 240 -12.98 11.70 15.04
CA GLY B 240 -12.93 10.51 15.90
C GLY B 240 -12.40 10.83 17.26
N SER B 241 -11.34 11.65 17.35
CA SER B 241 -10.79 12.10 18.64
C SER B 241 -11.90 12.86 19.41
N VAL B 242 -12.58 13.75 18.74
CA VAL B 242 -13.63 14.58 19.41
C VAL B 242 -14.74 13.65 19.92
N ILE B 243 -15.17 12.71 19.09
CA ILE B 243 -16.29 11.80 19.48
C ILE B 243 -15.80 10.93 20.64
N ALA B 244 -14.54 10.51 20.61
CA ALA B 244 -13.97 9.70 21.71
C ALA B 244 -13.96 10.51 22.99
N ILE B 245 -13.54 11.77 22.93
CA ILE B 245 -13.54 12.64 24.13
C ILE B 245 -14.96 12.76 24.65
N GLY B 246 -15.91 13.03 23.77
CA GLY B 246 -17.34 13.06 24.15
C GLY B 246 -17.77 11.77 24.81
N GLY B 247 -17.33 10.63 24.28
CA GLY B 247 -17.72 9.33 24.82
C GLY B 247 -17.15 9.16 26.22
N PHE B 248 -15.89 9.51 26.41
CA PHE B 248 -15.28 9.40 27.77
C PHE B 248 -15.98 10.35 28.74
N SER B 249 -16.31 11.55 28.28
CA SER B 249 -17.01 12.56 29.11
C SER B 249 -18.37 11.98 29.50
N LEU B 250 -19.10 11.42 28.55
CA LEU B 250 -20.43 10.84 28.84
C LEU B 250 -20.29 9.65 29.80
N SER B 251 -19.27 8.84 29.61
CA SER B 251 -19.02 7.67 30.49
C SER B 251 -18.79 8.15 31.93
N VAL B 252 -17.84 9.02 32.13
CA VAL B 252 -17.49 9.48 33.50
C VAL B 252 -18.73 10.19 34.07
N LEU B 253 -19.42 10.99 33.27
CA LEU B 253 -20.58 11.76 33.78
C LEU B 253 -21.69 10.78 34.19
N LEU B 254 -21.94 9.75 33.41
CA LEU B 254 -23.20 8.99 33.53
C LEU B 254 -23.10 7.92 34.62
N ILE B 255 -22.03 7.15 34.64
CA ILE B 255 -21.90 6.07 35.65
C ILE B 255 -21.15 6.60 36.86
N VAL B 256 -19.97 7.17 36.69
CA VAL B 256 -19.06 7.44 37.82
C VAL B 256 -19.74 8.47 38.72
N LEU B 257 -20.35 9.50 38.16
CA LEU B 257 -20.87 10.61 38.98
C LEU B 257 -22.31 10.29 39.40
N ARG B 258 -23.14 9.91 38.46
CA ARG B 258 -24.60 9.76 38.74
C ARG B 258 -24.84 8.49 39.56
N LEU B 259 -23.94 7.52 39.49
CA LEU B 259 -24.00 6.34 40.40
C LEU B 259 -23.83 6.79 41.85
N ALA B 260 -22.82 7.61 42.13
CA ALA B 260 -22.59 8.10 43.51
C ALA B 260 -23.72 9.05 43.92
N LEU B 261 -24.24 9.84 42.99
CA LEU B 261 -25.34 10.79 43.33
C LEU B 261 -26.64 10.05 43.68
N GLY B 262 -27.15 9.29 42.73
CA GLY B 262 -28.40 8.52 42.92
C GLY B 262 -28.21 7.08 42.49
N PRO B 263 -28.12 6.09 43.41
CA PRO B 263 -28.08 4.70 42.98
C PRO B 263 -29.37 4.24 42.29
N GLN B 264 -30.53 4.55 42.88
CA GLN B 264 -31.82 4.08 42.32
C GLN B 264 -32.16 4.92 41.09
N TRP B 265 -31.87 6.22 41.14
CA TRP B 265 -32.17 7.13 40.00
C TRP B 265 -31.39 6.72 38.75
N ALA B 266 -30.12 6.36 38.91
CA ALA B 266 -29.27 6.00 37.76
C ALA B 266 -29.46 4.53 37.40
N ALA B 267 -30.33 3.80 38.12
CA ALA B 267 -30.71 2.42 37.79
C ALA B 267 -29.49 1.49 37.82
N GLU B 268 -29.69 0.22 37.50
CA GLU B 268 -28.61 -0.79 37.61
C GLU B 268 -28.22 -1.31 36.22
N GLY B 269 -29.20 -1.50 35.32
CA GLY B 269 -28.97 -2.31 34.11
C GLY B 269 -28.46 -1.46 32.96
N VAL B 270 -29.22 -0.43 32.61
CA VAL B 270 -29.13 0.20 31.26
C VAL B 270 -28.12 1.35 31.27
N PHE B 271 -28.03 2.11 32.34
CA PHE B 271 -27.13 3.29 32.35
C PHE B 271 -25.67 2.88 32.56
N MET B 272 -25.36 2.26 33.71
CA MET B 272 -23.97 2.12 34.21
C MET B 272 -23.09 1.35 33.21
N LEU B 273 -23.48 0.14 32.89
CA LEU B 273 -22.66 -0.77 32.06
C LEU B 273 -22.47 -0.15 30.67
N PHE B 274 -23.39 0.68 30.24
CA PHE B 274 -23.44 1.13 28.84
C PHE B 274 -22.78 2.48 28.70
N ALA B 275 -22.73 3.27 29.76
CA ALA B 275 -21.69 4.32 29.88
C ALA B 275 -20.30 3.66 29.78
N VAL B 276 -20.14 2.48 30.35
CA VAL B 276 -18.87 1.73 30.21
C VAL B 276 -18.69 1.33 28.73
N LEU B 277 -19.77 0.96 28.06
CA LEU B 277 -19.74 0.70 26.60
C LEU B 277 -19.22 1.92 25.83
N PHE B 278 -19.65 3.11 26.23
CA PHE B 278 -19.35 4.35 25.49
C PHE B 278 -17.83 4.60 25.38
N THR B 279 -17.05 4.22 26.37
CA THR B 279 -15.59 4.45 26.31
C THR B 279 -14.96 3.51 25.29
N PHE B 280 -15.48 2.30 25.16
CA PHE B 280 -14.95 1.35 24.15
C PHE B 280 -15.32 1.85 22.75
N ILE B 281 -16.45 2.49 22.60
CA ILE B 281 -16.79 3.12 21.29
C ILE B 281 -15.77 4.19 20.92
N GLY B 282 -15.40 5.03 21.89
CA GLY B 282 -14.36 6.05 21.67
C GLY B 282 -13.03 5.44 21.35
N ALA B 283 -12.66 4.36 22.02
CA ALA B 283 -11.40 3.63 21.75
C ALA B 283 -11.41 3.14 20.30
N GLN B 284 -12.54 2.59 19.85
CA GLN B 284 -12.66 2.12 18.45
C GLN B 284 -12.48 3.31 17.50
N PHE B 285 -13.08 4.45 17.81
CA PHE B 285 -12.93 5.64 16.95
C PHE B 285 -11.46 6.08 16.87
N ILE B 286 -10.77 6.08 17.99
CA ILE B 286 -9.35 6.52 18.01
C ILE B 286 -8.52 5.54 17.18
N GLY B 287 -8.74 4.25 17.36
CA GLY B 287 -8.01 3.24 16.57
C GLY B 287 -8.26 3.39 15.09
N MET B 288 -9.51 3.63 14.72
CA MET B 288 -9.87 3.81 13.29
C MET B 288 -9.17 5.06 12.75
N GLY B 289 -9.12 6.11 13.55
CA GLY B 289 -8.41 7.32 13.11
C GLY B 289 -6.92 7.07 12.89
N LEU B 290 -6.31 6.30 13.75
CA LEU B 290 -4.87 6.01 13.61
C LEU B 290 -4.63 5.14 12.40
N LEU B 291 -5.48 4.16 12.17
CA LEU B 291 -5.40 3.35 10.92
C LEU B 291 -5.53 4.30 9.72
N GLY B 292 -6.47 5.22 9.77
CA GLY B 292 -6.64 6.17 8.67
C GLY B 292 -5.38 7.00 8.43
N GLU B 293 -4.74 7.44 9.49
CA GLU B 293 -3.48 8.21 9.37
C GLU B 293 -2.43 7.38 8.60
N TYR B 294 -2.25 6.16 9.00
CA TYR B 294 -1.25 5.28 8.35
C TYR B 294 -1.64 4.96 6.90
N ILE B 295 -2.92 4.74 6.64
CA ILE B 295 -3.41 4.50 5.25
C ILE B 295 -3.16 5.76 4.41
N GLY B 296 -3.38 6.94 4.95
CA GLY B 296 -3.12 8.18 4.23
C GLY B 296 -1.65 8.33 3.90
N ARG B 297 -0.79 8.00 4.84
CA ARG B 297 0.67 8.07 4.59
C ARG B 297 1.01 7.09 3.46
N ILE B 298 0.49 5.87 3.51
CA ILE B 298 0.79 4.84 2.47
C ILE B 298 0.33 5.37 1.12
N TYR B 299 -0.87 5.95 1.07
CA TYR B 299 -1.47 6.36 -0.21
C TYR B 299 -0.69 7.53 -0.78
N ASN B 300 -0.21 8.41 0.07
CA ASN B 300 0.63 9.54 -0.38
C ASN B 300 1.95 9.00 -0.91
N ASP B 301 2.55 8.06 -0.23
CA ASP B 301 3.91 7.55 -0.60
C ASP B 301 3.86 6.71 -1.85
N VAL B 302 2.84 5.90 -2.06
CA VAL B 302 2.78 5.01 -3.25
C VAL B 302 2.64 5.87 -4.52
N ARG B 303 1.88 6.93 -4.49
CA ARG B 303 1.64 7.75 -5.71
C ARG B 303 2.94 8.43 -6.13
N ALA B 304 3.77 8.84 -5.18
CA ALA B 304 5.07 9.49 -5.43
C ALA B 304 4.88 10.72 -6.32
N ARG B 305 3.89 11.52 -6.02
CA ARG B 305 3.75 12.84 -6.68
C ARG B 305 4.93 13.72 -6.29
N PRO B 306 5.34 14.63 -7.18
CA PRO B 306 6.46 15.52 -6.91
C PRO B 306 6.25 16.35 -5.64
N ARG B 307 7.33 16.44 -4.86
CA ARG B 307 7.27 17.18 -3.57
C ARG B 307 7.14 18.68 -3.82
N TYR B 308 7.78 19.16 -4.87
CA TYR B 308 7.78 20.59 -5.25
C TYR B 308 8.23 20.68 -6.71
N PHE B 309 7.92 21.80 -7.34
CA PHE B 309 8.52 22.19 -8.64
C PHE B 309 9.23 23.52 -8.43
N VAL B 310 10.53 23.53 -8.63
CA VAL B 310 11.29 24.81 -8.58
C VAL B 310 11.05 25.54 -9.90
N GLN B 311 10.70 26.81 -9.80
CA GLN B 311 10.32 27.62 -10.97
C GLN B 311 11.54 28.37 -11.50
N GLN B 312 12.37 28.93 -10.62
CA GLN B 312 13.56 29.68 -11.02
C GLN B 312 14.53 29.77 -9.84
N VAL B 313 15.82 29.54 -10.09
CA VAL B 313 16.88 29.70 -9.08
C VAL B 313 17.81 30.81 -9.55
N ILE B 314 18.15 31.72 -8.65
CA ILE B 314 18.78 33.01 -9.05
C ILE B 314 20.13 33.13 -8.37
N TYR B 315 20.97 32.11 -8.45
CA TYR B 315 22.34 32.15 -7.88
C TYR B 315 22.98 33.50 -8.14
N PRO B 316 23.63 34.11 -7.14
CA PRO B 316 24.28 35.40 -7.34
C PRO B 316 25.58 35.26 -8.15
N GLU B 317 26.30 36.37 -8.29
CA GLU B 317 27.56 36.43 -9.06
C GLU B 317 28.59 35.46 -8.47
N MET C 1 -11.82 -7.86 -33.08
CA MET C 1 -12.75 -7.03 -33.89
C MET C 1 -12.82 -7.56 -35.33
N PHE C 2 -11.68 -7.74 -35.98
CA PHE C 2 -11.62 -8.25 -37.37
C PHE C 2 -11.74 -9.77 -37.33
N ASP C 3 -12.98 -10.21 -37.14
CA ASP C 3 -13.34 -11.65 -37.12
C ASP C 3 -12.52 -12.31 -36.01
N ALA C 4 -11.99 -13.50 -36.25
CA ALA C 4 -11.12 -14.19 -35.28
C ALA C 4 -10.05 -14.96 -36.04
N ALA C 5 -8.85 -15.02 -35.49
CA ALA C 5 -7.74 -15.79 -36.08
C ALA C 5 -8.09 -17.26 -36.07
N PRO C 6 -7.70 -18.03 -37.12
CA PRO C 6 -7.92 -19.47 -37.11
C PRO C 6 -7.09 -20.15 -36.01
N ILE C 7 -7.63 -21.25 -35.48
CA ILE C 7 -6.94 -22.04 -34.43
C ILE C 7 -6.11 -23.12 -35.12
N LYS C 8 -4.81 -23.09 -34.86
CA LYS C 8 -3.88 -24.06 -35.46
C LYS C 8 -3.28 -24.97 -34.40
N LYS C 9 -3.11 -24.51 -33.16
CA LYS C 9 -2.50 -25.34 -32.11
C LYS C 9 -3.28 -25.19 -30.82
N VAL C 10 -3.47 -26.31 -30.15
CA VAL C 10 -4.18 -26.38 -28.85
C VAL C 10 -3.20 -26.86 -27.79
N SER C 11 -3.09 -26.09 -26.72
CA SER C 11 -2.24 -26.43 -25.57
C SER C 11 -3.13 -26.75 -24.39
N VAL C 12 -2.99 -27.95 -23.82
CA VAL C 12 -3.77 -28.35 -22.63
C VAL C 12 -2.89 -28.19 -21.39
N VAL C 13 -3.37 -27.42 -20.44
CA VAL C 13 -2.62 -27.13 -19.19
C VAL C 13 -3.28 -27.91 -18.06
N ILE C 14 -2.53 -28.81 -17.45
CA ILE C 14 -3.07 -29.70 -16.39
C ILE C 14 -2.20 -29.56 -15.16
N PRO C 15 -2.65 -28.86 -14.12
CA PRO C 15 -1.92 -28.82 -12.87
C PRO C 15 -2.08 -30.14 -12.12
N VAL C 16 -0.95 -30.73 -11.72
CA VAL C 16 -0.91 -32.07 -11.09
C VAL C 16 -0.37 -31.92 -9.68
N TYR C 17 -1.07 -32.49 -8.72
CA TYR C 17 -0.62 -32.53 -7.31
C TYR C 17 -1.08 -33.83 -6.70
N ASN C 18 -0.15 -34.76 -6.52
CA ASN C 18 -0.41 -36.07 -5.87
C ASN C 18 -1.55 -36.78 -6.60
N GLU C 19 -1.42 -36.92 -7.90
CA GLU C 19 -2.46 -37.55 -8.75
C GLU C 19 -1.86 -38.74 -9.50
N GLN C 20 -0.99 -39.50 -8.83
CA GLN C 20 -0.35 -40.66 -9.48
C GLN C 20 -1.38 -41.78 -9.71
N GLU C 21 -2.51 -41.75 -9.03
CA GLU C 21 -3.50 -42.85 -9.12
C GLU C 21 -4.18 -42.84 -10.50
N SER C 22 -4.49 -41.64 -11.01
CA SER C 22 -5.27 -41.48 -12.27
C SER C 22 -4.45 -40.81 -13.35
N LEU C 23 -3.17 -40.59 -13.15
CA LEU C 23 -2.35 -39.86 -14.14
C LEU C 23 -2.22 -40.62 -15.45
N PRO C 24 -1.93 -41.95 -15.47
CA PRO C 24 -1.86 -42.67 -16.74
C PRO C 24 -3.16 -42.64 -17.55
N GLU C 25 -4.29 -42.87 -16.88
CA GLU C 25 -5.60 -42.85 -17.56
C GLU C 25 -5.89 -41.45 -18.11
N LEU C 26 -5.59 -40.43 -17.32
CA LEU C 26 -5.77 -39.02 -17.77
C LEU C 26 -4.91 -38.74 -19.00
N ILE C 27 -3.66 -39.19 -18.98
CA ILE C 27 -2.74 -38.95 -20.12
C ILE C 27 -3.29 -39.64 -21.34
N ARG C 28 -3.71 -40.90 -21.20
CA ARG C 28 -4.20 -41.68 -22.36
C ARG C 28 -5.46 -41.02 -22.95
N ARG C 29 -6.40 -40.66 -22.09
CA ARG C 29 -7.68 -40.08 -22.58
C ARG C 29 -7.43 -38.71 -23.22
N THR C 30 -6.60 -37.88 -22.60
CA THR C 30 -6.29 -36.55 -23.16
C THR C 30 -5.57 -36.69 -24.50
N THR C 31 -4.65 -37.65 -24.59
CA THR C 31 -3.93 -37.89 -25.86
C THR C 31 -4.92 -38.30 -26.94
N THR C 32 -5.84 -39.20 -26.61
CA THR C 32 -6.85 -39.66 -27.60
C THR C 32 -7.71 -38.47 -28.05
N ALA C 33 -8.16 -37.65 -27.12
CA ALA C 33 -9.03 -36.51 -27.46
C ALA C 33 -8.26 -35.52 -28.36
N CYS C 34 -7.03 -35.23 -28.01
CA CYS C 34 -6.25 -34.23 -28.77
C CYS C 34 -5.87 -34.79 -30.14
N GLU C 35 -5.66 -36.09 -30.25
CA GLU C 35 -5.43 -36.71 -31.58
C GLU C 35 -6.71 -36.61 -32.41
N SER C 36 -7.86 -36.78 -31.78
CA SER C 36 -9.16 -36.67 -32.49
C SER C 36 -9.46 -35.22 -32.86
N LEU C 37 -8.76 -34.26 -32.26
CA LEU C 37 -9.02 -32.82 -32.58
C LEU C 37 -8.77 -32.53 -34.07
N GLY C 38 -7.68 -33.05 -34.62
CA GLY C 38 -7.32 -32.75 -36.02
C GLY C 38 -6.49 -31.49 -36.16
N LYS C 39 -5.85 -31.05 -35.09
CA LYS C 39 -4.93 -29.89 -35.10
C LYS C 39 -3.65 -30.29 -34.37
N ALA C 40 -2.62 -29.45 -34.46
CA ALA C 40 -1.40 -29.58 -33.65
C ALA C 40 -1.78 -29.41 -32.17
N TRP C 41 -1.26 -30.26 -31.33
CA TRP C 41 -1.65 -30.26 -29.89
C TRP C 41 -0.44 -30.50 -29.00
N GLU C 42 -0.57 -30.08 -27.76
CA GLU C 42 0.41 -30.35 -26.72
C GLU C 42 -0.25 -30.34 -25.36
N ILE C 43 0.28 -31.15 -24.46
CA ILE C 43 -0.26 -31.26 -23.08
C ILE C 43 0.82 -30.81 -22.12
N LEU C 44 0.54 -29.76 -21.37
CA LEU C 44 1.49 -29.25 -20.36
C LEU C 44 1.08 -29.78 -19.01
N LEU C 45 1.80 -30.78 -18.52
CA LEU C 45 1.58 -31.30 -17.14
C LEU C 45 2.50 -30.54 -16.19
N ILE C 46 1.92 -29.95 -15.17
CA ILE C 46 2.67 -29.15 -14.17
C ILE C 46 2.62 -29.88 -12.84
N ASP C 47 3.78 -30.20 -12.31
CA ASP C 47 3.91 -30.91 -11.01
C ASP C 47 4.04 -29.86 -9.93
N ASP C 48 3.02 -29.74 -9.09
CA ASP C 48 2.99 -28.68 -8.05
C ASP C 48 3.59 -29.21 -6.76
N GLY C 49 4.82 -29.71 -6.82
CA GLY C 49 5.53 -30.23 -5.64
C GLY C 49 4.83 -31.44 -5.05
N SER C 50 4.46 -32.40 -5.89
CA SER C 50 3.81 -33.65 -5.43
C SER C 50 4.79 -34.45 -4.57
N SER C 51 4.28 -35.04 -3.50
CA SER C 51 5.08 -35.89 -2.58
C SER C 51 5.17 -37.34 -3.10
N ASP C 52 4.28 -37.75 -3.98
CA ASP C 52 4.27 -39.14 -4.50
C ASP C 52 5.08 -39.22 -5.79
N SER C 53 4.87 -40.28 -6.56
CA SER C 53 5.67 -40.56 -7.78
C SER C 53 5.02 -39.92 -9.01
N SER C 54 4.22 -38.86 -8.83
CA SER C 54 3.59 -38.16 -9.98
C SER C 54 4.66 -37.59 -10.91
N ALA C 55 5.71 -37.01 -10.34
CA ALA C 55 6.79 -36.37 -11.14
C ALA C 55 7.46 -37.42 -12.02
N GLU C 56 7.70 -38.62 -11.49
CA GLU C 56 8.37 -39.69 -12.26
C GLU C 56 7.47 -40.10 -13.43
N LEU C 57 6.17 -40.23 -13.19
CA LEU C 57 5.23 -40.61 -14.27
C LEU C 57 5.20 -39.51 -15.34
N MET C 58 5.20 -38.25 -14.94
CA MET C 58 5.19 -37.14 -15.91
C MET C 58 6.49 -37.17 -16.72
N VAL C 59 7.62 -37.44 -16.07
CA VAL C 59 8.92 -37.47 -16.78
C VAL C 59 8.89 -38.62 -17.78
N LYS C 60 8.41 -39.78 -17.38
CA LYS C 60 8.36 -40.95 -18.29
C LYS C 60 7.43 -40.63 -19.47
N ALA C 61 6.29 -39.99 -19.22
CA ALA C 61 5.34 -39.62 -20.29
C ALA C 61 5.98 -38.64 -21.26
N SER C 62 6.71 -37.65 -20.75
CA SER C 62 7.36 -36.61 -21.59
C SER C 62 8.50 -37.23 -22.40
N GLN C 63 9.20 -38.20 -21.83
CA GLN C 63 10.39 -38.79 -22.49
C GLN C 63 9.99 -39.86 -23.49
N GLU C 64 8.72 -40.24 -23.55
CA GLU C 64 8.26 -41.30 -24.48
C GLU C 64 8.40 -40.81 -25.92
N ALA C 65 8.71 -41.74 -26.82
CA ALA C 65 8.96 -41.41 -28.24
C ALA C 65 7.67 -40.85 -28.87
N ASP C 66 7.84 -39.84 -29.72
CA ASP C 66 6.70 -39.20 -30.46
C ASP C 66 5.61 -38.79 -29.47
N SER C 67 5.99 -38.12 -28.38
CA SER C 67 5.03 -37.66 -27.36
C SER C 67 4.92 -36.14 -27.46
N HIS C 68 3.73 -35.61 -27.20
CA HIS C 68 3.48 -34.15 -27.24
C HIS C 68 3.23 -33.66 -25.82
N ILE C 69 3.92 -34.23 -24.83
CA ILE C 69 3.71 -33.89 -23.41
C ILE C 69 4.92 -33.13 -22.90
N ILE C 70 4.68 -31.99 -22.28
CA ILE C 70 5.73 -31.16 -21.65
C ILE C 70 5.52 -31.21 -20.15
N SER C 71 6.53 -31.66 -19.43
CA SER C 71 6.49 -31.76 -17.95
C SER C 71 7.20 -30.55 -17.37
N ILE C 72 6.50 -29.80 -16.55
CA ILE C 72 7.06 -28.62 -15.84
C ILE C 72 7.03 -28.95 -14.36
N LEU C 73 8.18 -29.12 -13.76
CA LEU C 73 8.32 -29.51 -12.34
C LEU C 73 8.58 -28.25 -11.51
N LEU C 74 7.81 -28.09 -10.45
CA LEU C 74 8.01 -26.99 -9.48
C LEU C 74 8.69 -27.56 -8.24
N ASN C 75 9.56 -26.77 -7.61
CA ASN C 75 10.35 -27.30 -6.47
C ASN C 75 9.46 -27.66 -5.28
N ARG C 76 8.43 -26.86 -5.04
CA ARG C 76 7.51 -27.12 -3.92
C ARG C 76 6.08 -26.84 -4.33
N ASN C 77 5.16 -26.93 -3.38
CA ASN C 77 3.73 -26.63 -3.63
C ASN C 77 3.53 -25.12 -3.60
N TYR C 78 2.90 -24.58 -4.63
CA TYR C 78 2.53 -23.16 -4.69
C TYR C 78 1.02 -22.95 -4.86
N GLY C 79 0.26 -24.00 -5.14
CA GLY C 79 -1.18 -23.88 -5.35
C GLY C 79 -1.56 -24.13 -6.79
N GLN C 80 -2.83 -24.40 -7.00
CA GLN C 80 -3.36 -24.68 -8.36
C GLN C 80 -3.19 -23.43 -9.22
N HIS C 81 -3.48 -22.25 -8.69
CA HIS C 81 -3.42 -21.00 -9.49
C HIS C 81 -2.00 -20.76 -9.96
N ALA C 82 -1.02 -20.89 -9.08
CA ALA C 82 0.40 -20.66 -9.45
C ALA C 82 0.85 -21.70 -10.47
N ALA C 83 0.45 -22.95 -10.31
CA ALA C 83 0.80 -24.00 -11.29
C ALA C 83 0.18 -23.69 -12.64
N ILE C 84 -1.06 -23.25 -12.67
CA ILE C 84 -1.75 -22.91 -13.95
C ILE C 84 -1.05 -21.72 -14.58
N MET C 85 -0.64 -20.74 -13.80
CA MET C 85 0.07 -19.57 -14.35
C MET C 85 1.44 -19.99 -14.91
N ALA C 86 2.12 -20.90 -14.21
CA ALA C 86 3.42 -21.43 -14.68
C ALA C 86 3.20 -22.16 -16.00
N GLY C 87 2.13 -22.93 -16.12
CA GLY C 87 1.81 -23.59 -17.39
C GLY C 87 1.50 -22.58 -18.47
N PHE C 88 0.79 -21.52 -18.14
CA PHE C 88 0.47 -20.45 -19.11
C PHE C 88 1.75 -19.81 -19.63
N SER C 89 2.74 -19.66 -18.75
CA SER C 89 4.03 -19.02 -19.13
C SER C 89 4.77 -19.86 -20.18
N HIS C 90 4.42 -21.12 -20.39
CA HIS C 90 5.16 -22.02 -21.31
C HIS C 90 4.33 -22.49 -22.49
N VAL C 91 3.10 -22.03 -22.62
CA VAL C 91 2.23 -22.51 -23.74
C VAL C 91 2.73 -21.92 -25.05
N SER C 92 2.44 -22.60 -26.14
CA SER C 92 2.78 -22.15 -27.50
C SER C 92 1.61 -22.26 -28.47
N GLY C 93 0.50 -22.85 -28.07
CA GLY C 93 -0.66 -23.01 -28.95
C GLY C 93 -1.51 -21.76 -29.09
N ASP C 94 -2.42 -21.78 -30.05
CA ASP C 94 -3.38 -20.67 -30.26
C ASP C 94 -4.50 -20.74 -29.22
N LEU C 95 -4.96 -21.93 -28.85
CA LEU C 95 -6.05 -22.06 -27.86
C LEU C 95 -5.55 -22.88 -26.67
N ILE C 96 -5.73 -22.35 -25.48
CA ILE C 96 -5.26 -22.97 -24.23
C ILE C 96 -6.46 -23.50 -23.47
N ILE C 97 -6.44 -24.78 -23.14
CA ILE C 97 -7.53 -25.44 -22.39
C ILE C 97 -7.04 -25.85 -21.02
N THR C 98 -7.69 -25.37 -19.99
CA THR C 98 -7.40 -25.79 -18.60
C THR C 98 -8.31 -26.96 -18.22
N LEU C 99 -7.70 -28.01 -17.70
CA LEU C 99 -8.38 -29.30 -17.46
C LEU C 99 -8.05 -29.79 -16.06
N ASP C 100 -9.02 -30.43 -15.43
CA ASP C 100 -8.82 -31.03 -14.10
C ASP C 100 -7.93 -32.25 -14.24
N ALA C 101 -7.11 -32.49 -13.22
CA ALA C 101 -6.18 -33.64 -13.21
C ALA C 101 -6.81 -34.85 -12.52
N ASP C 102 -7.98 -34.72 -11.90
CA ASP C 102 -8.61 -35.81 -11.14
C ASP C 102 -9.73 -36.48 -11.95
N LEU C 103 -9.79 -36.22 -13.26
CA LEU C 103 -10.77 -36.80 -14.21
C LEU C 103 -12.21 -36.45 -13.81
N GLN C 104 -12.43 -35.38 -13.06
CA GLN C 104 -13.79 -34.88 -12.79
C GLN C 104 -14.43 -34.43 -14.10
N ASN C 105 -13.68 -33.70 -14.92
CA ASN C 105 -14.18 -33.27 -16.25
C ASN C 105 -13.57 -34.17 -17.29
N PRO C 106 -14.39 -34.92 -18.05
CA PRO C 106 -13.84 -35.87 -19.01
C PRO C 106 -13.05 -35.15 -20.09
N PRO C 107 -11.86 -35.65 -20.46
CA PRO C 107 -11.12 -35.05 -21.57
C PRO C 107 -11.84 -35.15 -22.92
N GLU C 108 -12.81 -36.05 -23.07
CA GLU C 108 -13.53 -36.22 -24.35
C GLU C 108 -14.38 -34.99 -24.66
N GLU C 109 -14.59 -34.11 -23.70
CA GLU C 109 -15.30 -32.82 -23.95
C GLU C 109 -14.37 -31.81 -24.61
N ILE C 110 -13.09 -32.10 -24.77
CA ILE C 110 -12.12 -31.10 -25.30
C ILE C 110 -12.51 -30.70 -26.71
N PRO C 111 -12.83 -31.62 -27.65
CA PRO C 111 -13.20 -31.17 -28.99
C PRO C 111 -14.37 -30.19 -29.02
N ARG C 112 -15.37 -30.43 -28.19
CA ARG C 112 -16.57 -29.58 -28.18
C ARG C 112 -16.19 -28.14 -27.84
N LEU C 113 -15.27 -27.96 -26.91
CA LEU C 113 -14.76 -26.60 -26.61
C LEU C 113 -14.08 -26.01 -27.85
N VAL C 114 -13.23 -26.80 -28.48
CA VAL C 114 -12.40 -26.28 -29.60
C VAL C 114 -13.33 -25.81 -30.72
N ALA C 115 -14.31 -26.62 -31.08
CA ALA C 115 -15.30 -26.25 -32.11
C ALA C 115 -15.97 -24.94 -31.71
N LYS C 116 -16.35 -24.81 -30.46
CA LYS C 116 -16.94 -23.53 -30.00
C LYS C 116 -15.94 -22.39 -30.12
N ALA C 117 -14.68 -22.65 -29.84
CA ALA C 117 -13.63 -21.62 -30.00
C ALA C 117 -13.41 -21.33 -31.48
N ASP C 118 -13.83 -22.20 -32.39
CA ASP C 118 -13.72 -21.94 -33.83
C ASP C 118 -14.80 -20.97 -34.29
N GLU C 119 -15.85 -20.77 -33.50
CA GLU C 119 -16.94 -19.83 -33.88
C GLU C 119 -16.52 -18.39 -33.63
N GLY C 120 -15.44 -18.14 -32.89
CA GLY C 120 -14.90 -16.79 -32.67
C GLY C 120 -15.06 -16.35 -31.23
N PHE C 121 -15.15 -17.25 -30.27
CA PHE C 121 -15.25 -16.88 -28.85
C PHE C 121 -13.87 -16.86 -28.18
N ASP C 122 -13.59 -15.82 -27.45
CA ASP C 122 -12.30 -15.66 -26.75
C ASP C 122 -12.26 -16.60 -25.55
N VAL C 123 -13.35 -16.76 -24.84
CA VAL C 123 -13.44 -17.65 -23.66
C VAL C 123 -14.64 -18.58 -23.84
N VAL C 124 -14.43 -19.86 -23.66
CA VAL C 124 -15.50 -20.89 -23.75
C VAL C 124 -15.49 -21.66 -22.44
N GLY C 125 -16.32 -21.27 -21.51
CA GLY C 125 -16.49 -22.01 -20.26
C GLY C 125 -17.41 -23.20 -20.39
N THR C 126 -17.47 -23.98 -19.33
CA THR C 126 -18.34 -25.18 -19.27
C THR C 126 -19.26 -25.07 -18.05
N VAL C 127 -20.51 -25.43 -18.23
CA VAL C 127 -21.49 -25.52 -17.13
C VAL C 127 -21.88 -26.98 -16.98
N ARG C 128 -21.82 -27.50 -15.77
CA ARG C 128 -22.10 -28.93 -15.50
C ARG C 128 -23.60 -29.13 -15.38
N GLN C 129 -24.12 -30.10 -16.11
CA GLN C 129 -25.55 -30.49 -16.03
C GLN C 129 -25.71 -31.65 -15.04
N ASN C 130 -26.96 -32.05 -14.81
CA ASN C 130 -27.38 -33.14 -13.88
C ASN C 130 -26.58 -33.06 -12.57
N ARG C 131 -26.19 -31.86 -12.13
CA ARG C 131 -25.39 -31.70 -10.90
C ARG C 131 -26.37 -31.79 -9.72
N GLN C 132 -26.27 -32.85 -8.93
CA GLN C 132 -27.15 -33.04 -7.77
C GLN C 132 -26.44 -32.53 -6.51
N ASP C 133 -27.07 -31.58 -5.85
CA ASP C 133 -26.53 -30.96 -4.61
C ASP C 133 -27.66 -30.29 -3.86
N SER C 134 -27.33 -29.68 -2.74
CA SER C 134 -28.31 -28.93 -1.91
C SER C 134 -28.84 -27.75 -2.71
N LEU C 135 -30.10 -27.40 -2.50
CA LEU C 135 -30.72 -26.22 -3.17
C LEU C 135 -30.00 -24.94 -2.71
N PHE C 136 -29.48 -24.93 -1.50
CA PHE C 136 -28.70 -23.79 -0.98
C PHE C 136 -27.45 -23.57 -1.84
N ARG C 137 -26.75 -24.65 -2.17
CA ARG C 137 -25.53 -24.54 -3.00
C ARG C 137 -25.91 -24.06 -4.40
N LYS C 138 -27.03 -24.53 -4.92
CA LYS C 138 -27.48 -24.08 -6.26
C LYS C 138 -27.80 -22.58 -6.22
N SER C 139 -28.46 -22.12 -5.17
CA SER C 139 -28.79 -20.68 -5.01
C SER C 139 -27.50 -19.87 -4.90
N ALA C 140 -26.53 -20.37 -4.16
CA ALA C 140 -25.20 -19.70 -4.03
C ALA C 140 -24.55 -19.59 -5.41
N SER C 141 -24.57 -20.68 -6.17
CA SER C 141 -23.96 -20.69 -7.52
C SER C 141 -24.67 -19.66 -8.42
N LYS C 142 -26.00 -19.64 -8.36
CA LYS C 142 -26.79 -18.71 -9.20
C LYS C 142 -26.51 -17.26 -8.79
N ILE C 143 -26.42 -16.95 -7.52
CA ILE C 143 -26.21 -15.53 -7.09
C ILE C 143 -24.78 -15.14 -7.46
N ILE C 144 -23.82 -16.04 -7.37
CA ILE C 144 -22.44 -15.74 -7.83
C ILE C 144 -22.44 -15.47 -9.34
N ASN C 145 -23.19 -16.28 -10.08
CA ASN C 145 -23.37 -16.08 -11.53
C ASN C 145 -23.92 -14.67 -11.78
N LEU C 146 -24.96 -14.28 -11.05
CA LEU C 146 -25.62 -12.97 -11.28
C LEU C 146 -24.64 -11.85 -10.92
N LEU C 147 -23.88 -11.99 -9.84
CA LEU C 147 -22.92 -10.93 -9.44
C LEU C 147 -21.84 -10.77 -10.52
N ILE C 148 -21.31 -11.88 -11.00
CA ILE C 148 -20.24 -11.80 -12.03
C ILE C 148 -20.83 -11.28 -13.35
N GLN C 149 -22.07 -11.63 -13.65
CA GLN C 149 -22.77 -11.08 -14.84
C GLN C 149 -22.87 -9.57 -14.72
N ARG C 150 -23.26 -9.06 -13.56
CA ARG C 150 -23.39 -7.60 -13.35
C ARG C 150 -22.01 -6.93 -13.40
N THR C 151 -20.98 -7.59 -12.92
CA THR C 151 -19.65 -6.96 -12.82
C THR C 151 -18.93 -6.98 -14.19
N THR C 152 -18.67 -8.15 -14.72
CA THR C 152 -17.84 -8.32 -15.94
C THR C 152 -18.66 -8.27 -17.21
N GLY C 153 -19.98 -8.38 -17.13
CA GLY C 153 -20.84 -8.33 -18.34
C GLY C 153 -20.93 -9.66 -19.07
N LYS C 154 -19.85 -10.39 -19.22
CA LYS C 154 -19.83 -11.66 -19.97
C LYS C 154 -20.67 -12.72 -19.26
N ALA C 155 -21.36 -13.52 -20.06
CA ALA C 155 -22.26 -14.58 -19.56
C ALA C 155 -21.44 -15.81 -19.19
N MET C 156 -21.29 -16.08 -17.90
CA MET C 156 -20.40 -17.16 -17.44
C MET C 156 -21.00 -17.70 -16.15
N GLY C 157 -21.70 -18.82 -16.24
CA GLY C 157 -22.46 -19.42 -15.12
C GLY C 157 -21.61 -20.17 -14.11
N ASP C 158 -21.03 -21.29 -14.53
CA ASP C 158 -20.39 -22.24 -13.59
C ASP C 158 -18.90 -21.95 -13.50
N TYR C 159 -18.41 -21.79 -12.27
CA TYR C 159 -16.96 -21.64 -12.00
C TYR C 159 -16.41 -22.78 -11.18
N GLY C 160 -17.22 -23.77 -10.80
CA GLY C 160 -16.73 -24.90 -9.99
C GLY C 160 -15.68 -25.70 -10.77
N CYS C 161 -15.93 -25.91 -12.05
CA CYS C 161 -15.00 -26.68 -12.91
C CYS C 161 -14.06 -25.69 -13.58
N MET C 162 -12.80 -26.09 -13.72
CA MET C 162 -11.79 -25.26 -14.37
C MET C 162 -11.55 -25.76 -15.79
N LEU C 163 -12.37 -26.66 -16.31
CA LEU C 163 -12.29 -27.03 -17.75
C LEU C 163 -12.76 -25.85 -18.57
N ARG C 164 -11.80 -25.09 -19.10
CA ARG C 164 -12.13 -23.84 -19.82
C ARG C 164 -11.19 -23.69 -21.00
N ALA C 165 -11.57 -22.87 -21.95
CA ALA C 165 -10.80 -22.58 -23.17
C ALA C 165 -10.56 -21.07 -23.24
N TYR C 166 -9.34 -20.67 -23.48
CA TYR C 166 -8.95 -19.26 -23.64
C TYR C 166 -8.17 -19.11 -24.93
N ARG C 167 -8.35 -17.98 -25.60
CA ARG C 167 -7.54 -17.68 -26.79
C ARG C 167 -6.17 -17.16 -26.29
N ARG C 168 -5.17 -17.30 -27.15
CA ARG C 168 -3.80 -16.92 -26.78
C ARG C 168 -3.70 -15.45 -26.38
N PRO C 169 -4.32 -14.46 -27.07
CA PRO C 169 -4.27 -13.08 -26.59
C PRO C 169 -4.76 -12.87 -25.15
N ILE C 170 -5.77 -13.63 -24.75
CA ILE C 170 -6.30 -13.52 -23.36
C ILE C 170 -5.26 -14.02 -22.39
N ILE C 171 -4.60 -15.12 -22.73
CA ILE C 171 -3.55 -15.69 -21.84
C ILE C 171 -2.41 -14.70 -21.75
N ASP C 172 -2.02 -14.11 -22.88
CA ASP C 172 -0.88 -13.17 -22.89
C ASP C 172 -1.22 -11.96 -22.04
N THR C 173 -2.44 -11.45 -22.16
CA THR C 173 -2.86 -10.28 -21.37
C THR C 173 -2.87 -10.64 -19.89
N MET C 174 -3.36 -11.81 -19.56
CA MET C 174 -3.41 -12.27 -18.13
C MET C 174 -1.99 -12.41 -17.59
N LEU C 175 -1.05 -12.89 -18.38
CA LEU C 175 0.35 -13.02 -17.93
C LEU C 175 0.94 -11.65 -17.60
N ARG C 176 0.49 -10.59 -18.23
CA ARG C 176 0.96 -9.22 -17.93
C ARG C 176 0.37 -8.68 -16.63
N CYS C 177 -0.59 -9.36 -16.04
CA CYS C 177 -1.14 -8.99 -14.72
C CYS C 177 -0.29 -9.66 -13.64
N HIS C 178 0.37 -8.89 -12.79
CA HIS C 178 1.22 -9.48 -11.73
C HIS C 178 0.41 -9.60 -10.43
N GLU C 179 -0.89 -9.66 -10.51
CA GLU C 179 -1.75 -9.86 -9.32
C GLU C 179 -1.47 -11.27 -8.76
N ARG C 180 -1.36 -11.35 -7.45
CA ARG C 180 -1.15 -12.63 -6.76
C ARG C 180 -2.49 -13.10 -6.18
N SER C 181 -2.83 -14.35 -6.46
CA SER C 181 -4.00 -15.03 -5.87
C SER C 181 -5.26 -14.30 -6.37
N THR C 182 -5.36 -14.20 -7.67
CA THR C 182 -6.62 -13.74 -8.33
C THR C 182 -7.38 -14.95 -8.83
N PHE C 183 -8.55 -14.72 -9.40
CA PHE C 183 -9.38 -15.81 -9.95
C PHE C 183 -9.29 -15.73 -11.47
N ILE C 184 -8.82 -16.81 -12.06
CA ILE C 184 -8.39 -16.77 -13.50
C ILE C 184 -9.58 -16.53 -14.42
N PRO C 185 -10.70 -17.26 -14.30
CA PRO C 185 -11.82 -17.00 -15.21
C PRO C 185 -12.38 -15.57 -15.17
N ILE C 186 -12.39 -14.95 -13.99
CA ILE C 186 -12.86 -13.55 -13.89
C ILE C 186 -11.89 -12.63 -14.64
N LEU C 187 -10.59 -12.86 -14.46
CA LEU C 187 -9.57 -12.04 -15.15
C LEU C 187 -9.71 -12.22 -16.67
N ALA C 188 -9.96 -13.44 -17.11
CA ALA C 188 -10.15 -13.70 -18.55
C ALA C 188 -11.38 -12.95 -19.06
N ASN C 189 -12.46 -13.02 -18.31
CA ASN C 189 -13.73 -12.36 -18.71
C ASN C 189 -13.51 -10.86 -18.77
N ILE C 190 -12.64 -10.32 -17.93
CA ILE C 190 -12.36 -8.86 -17.96
C ILE C 190 -11.83 -8.43 -19.34
N PHE C 191 -10.92 -9.19 -19.91
CA PHE C 191 -10.25 -8.81 -21.18
C PHE C 191 -10.89 -9.51 -22.38
N ALA C 192 -11.91 -10.34 -22.18
CA ALA C 192 -12.50 -11.12 -23.29
C ALA C 192 -13.45 -10.25 -24.09
N ARG C 193 -13.47 -10.42 -25.39
CA ARG C 193 -14.45 -9.72 -26.25
C ARG C 193 -15.77 -10.47 -26.27
N ARG C 194 -15.72 -11.75 -26.66
CA ARG C 194 -16.94 -12.59 -26.74
C ARG C 194 -16.68 -13.86 -25.95
N ALA C 195 -17.38 -14.05 -24.84
CA ALA C 195 -17.30 -15.27 -24.02
C ALA C 195 -18.62 -16.02 -24.04
N THR C 196 -18.53 -17.33 -23.93
CA THR C 196 -19.72 -18.20 -23.97
C THR C 196 -19.52 -19.40 -23.07
N GLU C 197 -20.54 -20.22 -22.96
CA GLU C 197 -20.50 -21.45 -22.17
C GLU C 197 -21.14 -22.58 -22.96
N ILE C 198 -20.71 -23.79 -22.63
CA ILE C 198 -21.31 -25.01 -23.23
C ILE C 198 -21.66 -25.95 -22.09
N PRO C 199 -22.70 -26.80 -22.26
CA PRO C 199 -23.04 -27.77 -21.23
C PRO C 199 -22.19 -29.04 -21.30
N VAL C 200 -21.81 -29.53 -20.12
CA VAL C 200 -21.00 -30.77 -20.00
C VAL C 200 -21.68 -31.72 -19.02
N HIS C 201 -21.31 -32.99 -19.12
CA HIS C 201 -21.92 -34.06 -18.30
C HIS C 201 -20.81 -34.69 -17.47
N HIS C 202 -20.58 -34.19 -16.27
CA HIS C 202 -19.54 -34.71 -15.36
C HIS C 202 -19.93 -36.09 -14.85
N ALA C 203 -18.95 -36.81 -14.34
CA ALA C 203 -19.13 -38.16 -13.75
C ALA C 203 -19.57 -37.99 -12.30
N SER C 213 -18.92 -26.83 2.73
CA SER C 213 -19.85 -26.40 3.81
C SER C 213 -20.09 -24.90 3.73
N PHE C 214 -20.66 -24.36 4.79
CA PHE C 214 -21.02 -22.93 4.85
C PHE C 214 -19.75 -22.07 4.95
N MET C 215 -18.75 -22.56 5.67
CA MET C 215 -17.44 -21.86 5.74
C MET C 215 -16.80 -21.81 4.36
N ARG C 216 -16.96 -22.86 3.55
CA ARG C 216 -16.43 -22.83 2.18
C ARG C 216 -17.09 -21.70 1.37
N LEU C 217 -18.39 -21.54 1.52
CA LEU C 217 -19.10 -20.48 0.77
C LEU C 217 -18.62 -19.11 1.26
N ILE C 218 -18.45 -18.94 2.56
CA ILE C 218 -17.97 -17.63 3.09
C ILE C 218 -16.55 -17.34 2.55
N ASN C 219 -15.71 -18.35 2.53
CA ASN C 219 -14.34 -18.18 2.00
C ASN C 219 -14.39 -17.80 0.52
N LEU C 220 -15.26 -18.47 -0.25
CA LEU C 220 -15.38 -18.17 -1.69
C LEU C 220 -15.90 -16.74 -1.89
N MET C 221 -16.87 -16.32 -1.09
CA MET C 221 -17.39 -14.93 -1.20
C MET C 221 -16.28 -13.93 -0.90
N TYR C 222 -15.52 -14.15 0.16
CA TYR C 222 -14.40 -13.24 0.51
C TYR C 222 -13.36 -13.22 -0.61
N ASP C 223 -13.07 -14.38 -1.21
CA ASP C 223 -12.12 -14.43 -2.34
C ASP C 223 -12.64 -13.63 -3.54
N LEU C 224 -13.91 -13.83 -3.88
CA LEU C 224 -14.47 -13.21 -5.12
C LEU C 224 -14.66 -11.71 -4.94
N VAL C 225 -14.96 -11.26 -3.73
CA VAL C 225 -15.32 -9.82 -3.53
C VAL C 225 -14.14 -8.93 -3.92
N THR C 226 -12.91 -9.35 -3.71
CA THR C 226 -11.73 -8.52 -4.07
C THR C 226 -11.59 -8.49 -5.59
N CYS C 227 -11.85 -9.60 -6.26
CA CYS C 227 -11.69 -9.66 -7.74
C CYS C 227 -12.80 -8.86 -8.42
N LEU C 228 -14.01 -8.89 -7.88
CA LEU C 228 -15.16 -8.24 -8.54
C LEU C 228 -15.09 -6.72 -8.43
N THR C 229 -15.07 -6.18 -7.23
CA THR C 229 -15.03 -4.73 -7.01
C THR C 229 -13.86 -4.34 -6.12
N THR C 230 -13.60 -3.04 -6.03
CA THR C 230 -12.50 -2.50 -5.21
C THR C 230 -13.03 -1.65 -4.07
N THR C 231 -14.34 -1.53 -3.89
CA THR C 231 -14.91 -0.61 -2.89
C THR C 231 -16.32 -1.02 -2.47
N PRO C 232 -16.51 -2.20 -1.86
CA PRO C 232 -17.83 -2.55 -1.35
C PRO C 232 -18.29 -1.61 -0.22
N LEU C 233 -17.33 -1.18 0.60
CA LEU C 233 -17.65 -0.43 1.84
C LEU C 233 -18.34 0.87 1.48
N ARG C 234 -18.25 1.32 0.24
CA ARG C 234 -19.04 2.46 -0.26
C ARG C 234 -20.50 2.36 0.21
N LEU C 235 -21.13 1.23 -0.03
CA LEU C 235 -22.55 1.07 0.34
C LEU C 235 -22.74 1.24 1.84
N LEU C 236 -21.82 0.66 2.62
CA LEU C 236 -21.88 0.80 4.10
C LEU C 236 -21.86 2.26 4.51
N SER C 237 -21.06 3.07 3.85
CA SER C 237 -21.02 4.54 4.14
C SER C 237 -22.42 5.15 3.97
N LEU C 238 -23.11 4.80 2.91
CA LEU C 238 -24.51 5.28 2.72
C LEU C 238 -25.38 4.77 3.86
N LEU C 239 -25.26 3.48 4.19
CA LEU C 239 -26.02 2.90 5.33
C LEU C 239 -25.64 3.62 6.62
N GLY C 240 -24.40 4.05 6.77
CA GLY C 240 -23.98 4.82 7.93
C GLY C 240 -24.67 6.16 7.97
N SER C 241 -24.71 6.83 6.83
CA SER C 241 -25.10 8.27 6.74
C SER C 241 -26.53 8.44 7.26
N VAL C 242 -27.44 7.58 6.82
CA VAL C 242 -28.85 7.66 7.28
C VAL C 242 -28.92 7.40 8.78
N ILE C 243 -28.18 6.42 9.26
CA ILE C 243 -28.14 6.09 10.71
C ILE C 243 -27.61 7.31 11.48
N ALA C 244 -26.69 8.06 10.90
CA ALA C 244 -26.24 9.31 11.50
C ALA C 244 -27.41 10.31 11.49
N ILE C 245 -28.01 10.52 10.34
CA ILE C 245 -28.96 11.66 10.14
C ILE C 245 -30.13 11.46 11.09
N GLY C 246 -30.78 10.30 11.03
CA GLY C 246 -31.85 9.97 11.99
C GLY C 246 -31.32 10.00 13.41
N GLY C 247 -30.15 9.42 13.62
CA GLY C 247 -29.54 9.42 14.94
C GLY C 247 -29.38 10.83 15.50
N PHE C 248 -29.20 11.80 14.61
CA PHE C 248 -29.22 13.21 15.03
C PHE C 248 -30.66 13.70 15.11
N SER C 249 -31.44 13.49 14.04
CA SER C 249 -32.78 14.11 13.90
C SER C 249 -33.69 13.67 15.06
N LEU C 250 -33.64 12.39 15.41
CA LEU C 250 -34.41 11.87 16.56
C LEU C 250 -33.89 12.50 17.84
N SER C 251 -32.58 12.55 18.02
CA SER C 251 -31.97 12.83 19.35
C SER C 251 -32.47 14.15 19.90
N VAL C 252 -32.15 15.24 19.23
CA VAL C 252 -32.57 16.60 19.68
C VAL C 252 -34.11 16.65 19.80
N LEU C 253 -34.81 15.97 18.92
CA LEU C 253 -36.29 16.05 18.89
C LEU C 253 -36.89 15.56 20.21
N LEU C 254 -36.18 14.70 20.95
CA LEU C 254 -36.78 14.16 22.18
C LEU C 254 -36.46 15.08 23.36
N ILE C 255 -35.34 15.80 23.33
CA ILE C 255 -35.00 16.72 24.45
C ILE C 255 -35.04 18.17 24.00
N VAL C 256 -34.28 18.53 22.97
CA VAL C 256 -34.17 19.96 22.55
C VAL C 256 -35.57 20.53 22.29
N LEU C 257 -36.51 19.67 21.90
CA LEU C 257 -37.93 20.10 21.87
C LEU C 257 -38.59 19.89 23.23
N ARG C 258 -38.30 18.79 23.92
CA ARG C 258 -39.10 18.35 25.09
C ARG C 258 -38.19 18.19 26.31
N LEU C 259 -38.29 19.12 27.25
CA LEU C 259 -37.47 19.07 28.50
C LEU C 259 -38.34 18.53 29.64
N ALA C 260 -39.41 19.23 29.99
CA ALA C 260 -40.24 18.90 31.17
C ALA C 260 -41.58 18.32 30.72
N LEU C 261 -42.04 18.69 29.53
CA LEU C 261 -43.27 18.09 28.96
C LEU C 261 -42.94 16.71 28.38
N GLY C 262 -41.66 16.39 28.19
CA GLY C 262 -41.29 15.17 27.48
C GLY C 262 -40.41 14.17 28.20
N PRO C 263 -40.60 13.88 29.51
CA PRO C 263 -40.07 12.63 30.06
C PRO C 263 -40.71 11.39 29.39
N GLN C 264 -41.98 11.51 29.01
CA GLN C 264 -42.70 10.45 28.26
C GLN C 264 -42.92 9.25 29.21
N TRP C 265 -43.45 8.14 28.72
CA TRP C 265 -43.90 7.03 29.59
C TRP C 265 -42.70 6.35 30.24
N ALA C 266 -41.67 6.00 29.47
CA ALA C 266 -40.61 5.11 30.02
C ALA C 266 -39.46 5.94 30.57
N ALA C 267 -38.68 6.55 29.68
CA ALA C 267 -37.41 7.24 30.02
C ALA C 267 -36.93 8.02 28.81
N GLU C 268 -36.71 9.32 28.97
CA GLU C 268 -36.13 10.13 27.87
C GLU C 268 -34.61 9.95 27.83
N GLY C 269 -33.97 9.85 28.99
CA GLY C 269 -32.51 9.61 29.09
C GLY C 269 -32.08 8.30 28.43
N VAL C 270 -32.87 7.26 28.60
CA VAL C 270 -32.57 5.96 27.96
C VAL C 270 -32.60 6.13 26.44
N PHE C 271 -33.56 6.88 25.91
CA PHE C 271 -33.66 7.09 24.45
C PHE C 271 -32.58 8.04 23.97
N MET C 272 -32.09 8.93 24.82
CA MET C 272 -30.85 9.70 24.50
C MET C 272 -29.65 8.76 24.39
N LEU C 273 -29.50 7.82 25.31
CA LEU C 273 -28.42 6.80 25.18
C LEU C 273 -28.58 6.08 23.84
N PHE C 274 -29.83 5.71 23.53
CA PHE C 274 -30.11 5.04 22.24
C PHE C 274 -29.65 5.89 21.04
N ALA C 275 -30.02 7.16 21.06
CA ALA C 275 -29.86 8.03 19.87
C ALA C 275 -28.39 8.38 19.70
N VAL C 276 -27.71 8.74 20.78
CA VAL C 276 -26.28 9.13 20.66
C VAL C 276 -25.48 7.88 20.30
N LEU C 277 -25.89 6.72 20.80
CA LEU C 277 -25.18 5.47 20.42
C LEU C 277 -25.38 5.21 18.93
N PHE C 278 -26.58 5.39 18.42
CA PHE C 278 -26.84 5.18 16.97
C PHE C 278 -26.06 6.20 16.14
N THR C 279 -25.93 7.42 16.64
CA THR C 279 -25.15 8.45 15.92
C THR C 279 -23.67 8.02 15.87
N PHE C 280 -23.15 7.49 16.95
CA PHE C 280 -21.77 6.98 16.97
C PHE C 280 -21.61 5.79 16.03
N ILE C 281 -22.62 4.93 15.96
CA ILE C 281 -22.58 3.77 15.04
C ILE C 281 -22.50 4.29 13.60
N GLY C 282 -23.33 5.27 13.27
CA GLY C 282 -23.31 5.87 11.94
C GLY C 282 -21.96 6.48 11.60
N ALA C 283 -21.39 7.20 12.55
CA ALA C 283 -20.07 7.81 12.36
C ALA C 283 -19.02 6.73 12.11
N GLN C 284 -19.09 5.64 12.86
CA GLN C 284 -18.17 4.51 12.67
C GLN C 284 -18.31 3.92 11.28
N PHE C 285 -19.53 3.77 10.80
CA PHE C 285 -19.76 3.25 9.43
C PHE C 285 -19.18 4.20 8.39
N ILE C 286 -19.34 5.49 8.58
CA ILE C 286 -18.81 6.47 7.60
C ILE C 286 -17.27 6.40 7.62
N GLY C 287 -16.67 6.27 8.80
CA GLY C 287 -15.21 6.14 8.90
C GLY C 287 -14.72 4.90 8.19
N MET C 288 -15.42 3.78 8.38
CA MET C 288 -15.04 2.54 7.69
C MET C 288 -15.18 2.73 6.17
N GLY C 289 -16.20 3.45 5.74
CA GLY C 289 -16.34 3.72 4.31
C GLY C 289 -15.18 4.54 3.75
N LEU C 290 -14.73 5.56 4.47
CA LEU C 290 -13.60 6.39 4.00
C LEU C 290 -12.33 5.54 3.97
N LEU C 291 -12.12 4.73 4.99
CA LEU C 291 -10.94 3.84 5.00
C LEU C 291 -11.01 2.92 3.78
N GLY C 292 -12.18 2.35 3.53
CA GLY C 292 -12.33 1.46 2.37
C GLY C 292 -12.07 2.17 1.08
N GLU C 293 -12.51 3.41 0.93
CA GLU C 293 -12.27 4.19 -0.31
C GLU C 293 -10.78 4.33 -0.55
N TYR C 294 -10.06 4.72 0.46
CA TYR C 294 -8.61 4.97 0.32
C TYR C 294 -7.87 3.65 0.09
N ILE C 295 -8.27 2.60 0.79
CA ILE C 295 -7.64 1.27 0.63
C ILE C 295 -7.92 0.76 -0.78
N GLY C 296 -9.12 0.99 -1.29
CA GLY C 296 -9.47 0.55 -2.65
C GLY C 296 -8.63 1.28 -3.67
N ARG C 297 -8.42 2.57 -3.48
CA ARG C 297 -7.57 3.34 -4.42
C ARG C 297 -6.15 2.78 -4.38
N ILE C 298 -5.63 2.53 -3.18
CA ILE C 298 -4.26 2.00 -3.05
C ILE C 298 -4.18 0.64 -3.74
N TYR C 299 -5.18 -0.21 -3.55
CA TYR C 299 -5.18 -1.58 -4.09
C TYR C 299 -5.22 -1.53 -5.60
N ASN C 300 -6.02 -0.60 -6.14
CA ASN C 300 -6.15 -0.48 -7.61
C ASN C 300 -4.82 0.00 -8.17
N ASP C 301 -4.16 0.94 -7.51
CA ASP C 301 -2.86 1.44 -8.02
C ASP C 301 -1.78 0.37 -7.93
N VAL C 302 -1.71 -0.34 -6.83
CA VAL C 302 -0.66 -1.38 -6.61
C VAL C 302 -0.90 -2.55 -7.56
N ARG C 303 -2.14 -2.91 -7.82
CA ARG C 303 -2.46 -4.08 -8.70
C ARG C 303 -1.87 -3.88 -10.12
N ALA C 304 -1.89 -2.66 -10.63
CA ALA C 304 -1.35 -2.28 -11.95
C ALA C 304 -1.88 -3.20 -13.04
N ARG C 305 -3.15 -3.50 -13.01
CA ARG C 305 -3.77 -4.32 -14.08
C ARG C 305 -3.77 -3.51 -15.36
N PRO C 306 -3.48 -4.13 -16.51
CA PRO C 306 -3.58 -3.43 -17.79
C PRO C 306 -4.98 -2.88 -18.07
N ARG C 307 -5.03 -1.65 -18.56
CA ARG C 307 -6.26 -0.83 -18.64
C ARG C 307 -7.09 -1.16 -19.87
N TYR C 308 -6.51 -1.82 -20.85
CA TYR C 308 -7.18 -2.08 -22.14
C TYR C 308 -6.38 -3.16 -22.88
N PHE C 309 -6.99 -3.73 -23.91
CA PHE C 309 -6.29 -4.60 -24.87
C PHE C 309 -6.51 -4.05 -26.26
N VAL C 310 -5.47 -3.54 -26.89
CA VAL C 310 -5.60 -3.00 -28.27
C VAL C 310 -5.67 -4.18 -29.23
N GLN C 311 -6.68 -4.18 -30.08
CA GLN C 311 -6.99 -5.33 -30.97
C GLN C 311 -6.27 -5.12 -32.30
N GLN C 312 -6.31 -3.91 -32.84
CA GLN C 312 -5.59 -3.59 -34.09
C GLN C 312 -5.37 -2.08 -34.16
N VAL C 313 -4.23 -1.70 -34.71
CA VAL C 313 -3.92 -0.27 -34.98
C VAL C 313 -3.71 -0.12 -36.47
N ILE C 314 -4.44 0.79 -37.09
CA ILE C 314 -4.32 1.03 -38.54
C ILE C 314 -3.63 2.36 -38.77
N TYR C 315 -2.46 2.32 -39.38
CA TYR C 315 -1.73 3.58 -39.67
C TYR C 315 -1.99 3.98 -41.11
N PRO C 316 -2.18 5.29 -41.38
CA PRO C 316 -2.39 5.74 -42.75
C PRO C 316 -1.09 5.68 -43.56
N GLU C 317 -1.24 5.55 -44.86
CA GLU C 317 -0.10 5.46 -45.79
C GLU C 317 0.58 6.83 -45.87
N ASP D 3 22.55 -28.50 -10.24
CA ASP D 3 23.68 -27.86 -10.99
C ASP D 3 23.80 -26.39 -10.55
N ALA D 4 24.97 -26.03 -10.03
CA ALA D 4 25.23 -24.66 -9.56
C ALA D 4 26.65 -24.25 -9.93
N ALA D 5 26.86 -22.95 -10.01
CA ALA D 5 28.18 -22.36 -10.33
C ALA D 5 29.14 -22.67 -9.19
N PRO D 6 30.43 -22.93 -9.51
CA PRO D 6 31.41 -23.20 -8.47
C PRO D 6 31.68 -21.95 -7.60
N ILE D 7 31.97 -22.20 -6.33
CA ILE D 7 32.19 -21.12 -5.35
C ILE D 7 33.69 -20.86 -5.27
N LYS D 8 34.09 -19.63 -5.51
CA LYS D 8 35.52 -19.24 -5.54
C LYS D 8 35.88 -18.31 -4.38
N LYS D 9 34.95 -17.51 -3.87
CA LYS D 9 35.26 -16.59 -2.77
C LYS D 9 34.17 -16.66 -1.70
N VAL D 10 34.62 -16.63 -0.45
CA VAL D 10 33.72 -16.66 0.72
C VAL D 10 33.87 -15.35 1.48
N SER D 11 32.76 -14.67 1.69
CA SER D 11 32.69 -13.41 2.47
C SER D 11 31.97 -13.70 3.79
N VAL D 12 32.63 -13.44 4.92
CA VAL D 12 32.01 -13.65 6.25
C VAL D 12 31.55 -12.29 6.76
N VAL D 13 30.27 -12.19 7.07
CA VAL D 13 29.64 -10.95 7.56
C VAL D 13 29.39 -11.10 9.05
N ILE D 14 30.00 -10.24 9.85
CA ILE D 14 29.90 -10.33 11.32
C ILE D 14 29.44 -8.99 11.85
N PRO D 15 28.18 -8.85 12.27
CA PRO D 15 27.74 -7.64 12.93
C PRO D 15 28.28 -7.56 14.36
N VAL D 16 28.95 -6.46 14.66
CA VAL D 16 29.64 -6.25 15.95
C VAL D 16 28.95 -5.11 16.68
N TYR D 17 28.62 -5.34 17.93
CA TYR D 17 28.03 -4.29 18.81
C TYR D 17 28.48 -4.55 20.23
N ASN D 18 29.45 -3.76 20.67
CA ASN D 18 29.98 -3.82 22.07
C ASN D 18 30.51 -5.22 22.33
N GLU D 19 31.50 -5.62 21.56
CA GLU D 19 32.10 -6.97 21.62
C GLU D 19 33.62 -6.85 21.69
N GLN D 20 34.10 -5.94 22.52
CA GLN D 20 35.57 -5.68 22.57
C GLN D 20 36.29 -6.86 23.24
N GLU D 21 35.62 -7.56 24.14
CA GLU D 21 36.31 -8.62 24.93
C GLU D 21 36.33 -9.93 24.15
N SER D 22 35.52 -10.08 23.11
CA SER D 22 35.45 -11.32 22.30
C SER D 22 36.01 -11.12 20.88
N LEU D 23 36.24 -9.88 20.48
CA LEU D 23 36.60 -9.60 19.08
C LEU D 23 37.96 -10.21 18.71
N PRO D 24 39.03 -10.08 19.52
CA PRO D 24 40.31 -10.66 19.12
C PRO D 24 40.27 -12.19 18.88
N GLU D 25 39.65 -12.92 19.81
CA GLU D 25 39.52 -14.38 19.68
C GLU D 25 38.67 -14.73 18.46
N LEU D 26 37.60 -13.99 18.26
CA LEU D 26 36.73 -14.19 17.07
C LEU D 26 37.52 -13.99 15.79
N ILE D 27 38.31 -12.93 15.73
CA ILE D 27 39.09 -12.62 14.50
C ILE D 27 40.09 -13.75 14.27
N ARG D 28 40.77 -14.17 15.32
CA ARG D 28 41.82 -15.21 15.16
C ARG D 28 41.18 -16.53 14.68
N ARG D 29 40.10 -16.94 15.32
CA ARG D 29 39.45 -18.22 14.99
C ARG D 29 38.85 -18.16 13.58
N THR D 30 38.21 -17.07 13.22
CA THR D 30 37.61 -16.93 11.88
C THR D 30 38.71 -16.91 10.82
N THR D 31 39.83 -16.25 11.11
CA THR D 31 40.96 -16.23 10.17
C THR D 31 41.48 -17.66 9.96
N THR D 32 41.64 -18.40 11.03
CA THR D 32 42.14 -19.80 10.92
C THR D 32 41.16 -20.64 10.10
N ALA D 33 39.87 -20.51 10.39
CA ALA D 33 38.84 -21.30 9.68
C ALA D 33 38.85 -20.96 8.18
N CYS D 34 38.91 -19.68 7.86
CA CYS D 34 38.86 -19.25 6.44
C CYS D 34 40.14 -19.64 5.72
N GLU D 35 41.28 -19.61 6.41
CA GLU D 35 42.55 -20.07 5.80
C GLU D 35 42.47 -21.58 5.53
N SER D 36 41.82 -22.33 6.42
CA SER D 36 41.65 -23.79 6.21
C SER D 36 40.49 -24.03 5.22
N LEU D 37 40.51 -23.41 4.06
CA LEU D 37 39.42 -23.59 3.06
C LEU D 37 40.00 -23.80 1.68
N GLY D 38 41.15 -23.20 1.39
CA GLY D 38 41.73 -23.24 0.03
C GLY D 38 40.92 -22.43 -0.97
N LYS D 39 40.29 -21.35 -0.50
CA LYS D 39 39.55 -20.40 -1.35
C LYS D 39 39.91 -18.98 -0.92
N ALA D 40 39.65 -18.04 -1.81
CA ALA D 40 39.73 -16.60 -1.50
C ALA D 40 38.68 -16.30 -0.43
N TRP D 41 39.08 -15.57 0.61
CA TRP D 41 38.16 -15.27 1.72
C TRP D 41 38.30 -13.82 2.16
N GLU D 42 37.26 -13.33 2.79
CA GLU D 42 37.26 -11.99 3.42
C GLU D 42 36.27 -11.95 4.55
N ILE D 43 36.58 -11.16 5.56
CA ILE D 43 35.74 -11.02 6.77
C ILE D 43 35.25 -9.59 6.86
N LEU D 44 33.95 -9.39 6.78
CA LEU D 44 33.34 -8.04 6.88
C LEU D 44 32.86 -7.83 8.30
N LEU D 45 33.61 -7.08 9.08
CA LEU D 45 33.19 -6.70 10.45
C LEU D 45 32.43 -5.38 10.37
N ILE D 46 31.24 -5.37 10.91
CA ILE D 46 30.36 -4.17 10.87
C ILE D 46 30.16 -3.67 12.28
N ASP D 47 30.52 -2.42 12.52
CA ASP D 47 30.33 -1.79 13.84
C ASP D 47 28.97 -1.12 13.90
N ASP D 48 28.08 -1.64 14.75
CA ASP D 48 26.72 -1.10 14.87
C ASP D 48 26.69 0.00 15.94
N GLY D 49 27.52 1.01 15.79
CA GLY D 49 27.56 2.13 16.75
C GLY D 49 27.97 1.69 18.15
N SER D 50 29.02 0.88 18.26
CA SER D 50 29.53 0.41 19.57
C SER D 50 30.04 1.58 20.38
N SER D 51 29.74 1.59 21.67
CA SER D 51 30.22 2.63 22.61
C SER D 51 31.61 2.30 23.15
N ASP D 52 32.04 1.05 23.06
CA ASP D 52 33.34 0.62 23.62
C ASP D 52 34.42 0.71 22.53
N SER D 53 35.55 0.04 22.76
CA SER D 53 36.74 0.13 21.88
C SER D 53 36.65 -0.86 20.71
N SER D 54 35.46 -1.36 20.39
CA SER D 54 35.30 -2.35 19.29
C SER D 54 35.76 -1.76 17.96
N ALA D 55 35.42 -0.51 17.69
CA ALA D 55 35.75 0.13 16.40
C ALA D 55 37.27 0.23 16.25
N GLU D 56 37.99 0.55 17.34
CA GLU D 56 39.46 0.65 17.27
C GLU D 56 40.07 -0.71 16.95
N LEU D 57 39.56 -1.77 17.57
CA LEU D 57 40.07 -3.14 17.30
C LEU D 57 39.78 -3.53 15.86
N MET D 58 38.60 -3.20 15.35
CA MET D 58 38.25 -3.52 13.95
C MET D 58 39.20 -2.78 13.01
N VAL D 59 39.48 -1.51 13.30
CA VAL D 59 40.33 -0.70 12.41
C VAL D 59 41.75 -1.26 12.46
N LYS D 60 42.23 -1.62 13.63
CA LYS D 60 43.60 -2.18 13.76
C LYS D 60 43.68 -3.51 13.00
N ALA D 61 42.65 -4.35 13.10
CA ALA D 61 42.62 -5.65 12.38
C ALA D 61 42.61 -5.41 10.87
N SER D 62 41.84 -4.45 10.39
CA SER D 62 41.75 -4.13 8.95
C SER D 62 43.07 -3.54 8.44
N GLN D 63 43.80 -2.81 9.27
CA GLN D 63 45.00 -2.09 8.83
C GLN D 63 46.25 -2.98 8.96
N GLU D 64 46.13 -4.21 9.46
CA GLU D 64 47.30 -5.09 9.62
C GLU D 64 47.86 -5.48 8.25
N ALA D 65 49.07 -6.04 8.29
CA ALA D 65 49.74 -6.60 7.11
C ALA D 65 48.92 -7.74 6.51
N ASP D 66 48.90 -7.83 5.19
CA ASP D 66 48.28 -8.89 4.37
C ASP D 66 47.02 -9.47 5.03
N SER D 67 46.13 -8.60 5.45
CA SER D 67 44.86 -8.97 6.12
C SER D 67 43.72 -9.01 5.11
N HIS D 68 42.68 -9.76 5.45
CA HIS D 68 41.48 -9.90 4.60
C HIS D 68 40.25 -9.39 5.32
N ILE D 69 40.39 -8.39 6.17
CA ILE D 69 39.31 -7.89 7.02
C ILE D 69 38.89 -6.51 6.52
N ILE D 70 37.59 -6.34 6.30
CA ILE D 70 36.98 -5.06 5.90
C ILE D 70 36.15 -4.58 7.08
N SER D 71 36.47 -3.39 7.55
CA SER D 71 35.76 -2.74 8.69
C SER D 71 34.75 -1.75 8.10
N ILE D 72 33.48 -1.94 8.43
CA ILE D 72 32.41 -1.01 8.01
C ILE D 72 31.86 -0.39 9.27
N LEU D 73 32.12 0.90 9.45
CA LEU D 73 31.70 1.63 10.67
C LEU D 73 30.39 2.36 10.38
N LEU D 74 29.38 2.11 11.20
CA LEU D 74 28.12 2.87 11.13
C LEU D 74 28.18 4.00 12.17
N ASN D 75 27.62 5.14 11.82
CA ASN D 75 27.72 6.34 12.68
C ASN D 75 26.98 6.11 14.00
N ARG D 76 25.95 5.29 14.03
CA ARG D 76 25.20 5.03 15.27
C ARG D 76 24.63 3.62 15.23
N ASN D 77 23.92 3.26 16.28
CA ASN D 77 23.29 1.92 16.39
C ASN D 77 22.07 1.82 15.48
N TYR D 78 21.98 0.75 14.71
CA TYR D 78 20.83 0.55 13.80
C TYR D 78 20.19 -0.83 13.95
N GLY D 79 20.81 -1.76 14.64
CA GLY D 79 20.24 -3.11 14.82
C GLY D 79 21.01 -4.18 14.09
N GLN D 80 20.83 -5.44 14.46
CA GLN D 80 21.55 -6.55 13.80
C GLN D 80 21.12 -6.58 12.34
N HIS D 81 19.83 -6.42 12.03
CA HIS D 81 19.34 -6.54 10.65
C HIS D 81 19.99 -5.48 9.76
N ALA D 82 20.00 -4.24 10.21
CA ALA D 82 20.58 -3.14 9.41
C ALA D 82 22.08 -3.34 9.26
N ALA D 83 22.78 -3.77 10.29
CA ALA D 83 24.23 -4.03 10.17
C ALA D 83 24.49 -5.17 9.19
N ILE D 84 23.69 -6.22 9.23
CA ILE D 84 23.87 -7.37 8.31
C ILE D 84 23.58 -6.93 6.89
N MET D 85 22.59 -6.11 6.68
CA MET D 85 22.29 -5.65 5.31
C MET D 85 23.36 -4.69 4.84
N ALA D 86 23.91 -3.87 5.72
CA ALA D 86 25.05 -2.99 5.37
C ALA D 86 26.24 -3.83 4.97
N GLY D 87 26.49 -4.92 5.67
CA GLY D 87 27.57 -5.85 5.28
C GLY D 87 27.26 -6.48 3.95
N PHE D 88 26.02 -6.86 3.71
CA PHE D 88 25.61 -7.48 2.43
C PHE D 88 25.87 -6.53 1.27
N SER D 89 25.65 -5.23 1.51
CA SER D 89 25.85 -4.21 0.46
C SER D 89 27.32 -4.10 0.05
N HIS D 90 28.26 -4.64 0.81
CA HIS D 90 29.71 -4.48 0.54
C HIS D 90 30.40 -5.81 0.26
N VAL D 91 29.68 -6.92 0.23
CA VAL D 91 30.35 -8.23 0.00
C VAL D 91 30.79 -8.34 -1.45
N SER D 92 31.78 -9.18 -1.67
CA SER D 92 32.34 -9.44 -3.03
C SER D 92 32.47 -10.93 -3.33
N GLY D 93 32.29 -11.81 -2.34
CA GLY D 93 32.48 -13.25 -2.54
C GLY D 93 31.29 -13.92 -3.17
N ASP D 94 31.49 -15.17 -3.58
CA ASP D 94 30.38 -15.97 -4.17
C ASP D 94 29.48 -16.48 -3.06
N LEU D 95 30.02 -16.87 -1.92
CA LEU D 95 29.22 -17.42 -0.81
C LEU D 95 29.39 -16.53 0.42
N ILE D 96 28.28 -16.08 0.97
CA ILE D 96 28.25 -15.17 2.13
C ILE D 96 27.82 -15.94 3.37
N ILE D 97 28.63 -15.89 4.40
CA ILE D 97 28.35 -16.58 5.69
C ILE D 97 28.07 -15.56 6.76
N THR D 98 26.92 -15.62 7.39
CA THR D 98 26.58 -14.78 8.54
C THR D 98 26.94 -15.53 9.82
N LEU D 99 27.64 -14.83 10.70
CA LEU D 99 28.22 -15.43 11.93
C LEU D 99 27.92 -14.53 13.12
N ASP D 100 27.74 -15.15 14.27
CA ASP D 100 27.60 -14.39 15.54
C ASP D 100 28.96 -13.81 15.92
N ALA D 101 28.93 -12.65 16.54
CA ALA D 101 30.17 -11.95 16.99
C ALA D 101 30.55 -12.32 18.42
N ASP D 102 29.69 -13.02 19.15
CA ASP D 102 29.90 -13.34 20.58
C ASP D 102 30.34 -14.80 20.76
N LEU D 103 30.78 -15.44 19.68
CA LEU D 103 31.37 -16.81 19.70
C LEU D 103 30.37 -17.84 20.21
N GLN D 104 29.08 -17.57 20.12
CA GLN D 104 28.05 -18.60 20.42
C GLN D 104 28.15 -19.71 19.37
N ASN D 105 28.31 -19.35 18.11
CA ASN D 105 28.49 -20.35 17.04
C ASN D 105 29.96 -20.41 16.69
N PRO D 106 30.64 -21.54 16.89
CA PRO D 106 32.07 -21.60 16.68
C PRO D 106 32.40 -21.34 15.21
N PRO D 107 33.41 -20.50 14.90
CA PRO D 107 33.81 -20.29 13.51
C PRO D 107 34.35 -21.55 12.83
N GLU D 108 34.77 -22.56 13.59
CA GLU D 108 35.34 -23.79 13.00
C GLU D 108 34.27 -24.58 12.24
N GLU D 109 33.00 -24.24 12.40
CA GLU D 109 31.90 -24.85 11.61
C GLU D 109 31.82 -24.25 10.21
N ILE D 110 32.62 -23.22 9.91
CA ILE D 110 32.49 -22.53 8.60
C ILE D 110 32.81 -23.47 7.45
N PRO D 111 33.90 -24.27 7.47
CA PRO D 111 34.15 -25.16 6.34
C PRO D 111 32.99 -26.13 6.04
N ARG D 112 32.34 -26.65 7.08
CA ARG D 112 31.25 -27.62 6.90
C ARG D 112 30.12 -26.97 6.10
N LEU D 113 29.82 -25.71 6.35
CA LEU D 113 28.83 -24.98 5.53
C LEU D 113 29.31 -24.90 4.08
N VAL D 114 30.56 -24.55 3.89
CA VAL D 114 31.07 -24.29 2.52
C VAL D 114 30.94 -25.56 1.70
N ALA D 115 31.36 -26.70 2.25
CA ALA D 115 31.21 -28.00 1.56
C ALA D 115 29.75 -28.22 1.21
N LYS D 116 28.85 -27.96 2.14
CA LYS D 116 27.41 -28.13 1.87
C LYS D 116 26.96 -27.15 0.79
N ALA D 117 27.57 -25.98 0.72
CA ALA D 117 27.25 -25.02 -0.35
C ALA D 117 27.85 -25.51 -1.68
N ASP D 118 28.85 -26.37 -1.65
CA ASP D 118 29.45 -26.89 -2.91
C ASP D 118 28.56 -27.96 -3.55
N GLU D 119 27.64 -28.55 -2.80
CA GLU D 119 26.73 -29.57 -3.35
C GLU D 119 25.63 -28.96 -4.20
N GLY D 120 25.44 -27.63 -4.14
CA GLY D 120 24.46 -26.93 -5.00
C GLY D 120 23.28 -26.42 -4.21
N PHE D 121 23.47 -26.08 -2.95
CA PHE D 121 22.40 -25.48 -2.11
C PHE D 121 22.56 -23.97 -2.09
N ASP D 122 21.50 -23.25 -2.35
CA ASP D 122 21.49 -21.77 -2.25
C ASP D 122 21.60 -21.32 -0.79
N VAL D 123 20.92 -21.98 0.11
CA VAL D 123 20.92 -21.60 1.54
C VAL D 123 21.27 -22.83 2.36
N VAL D 124 22.21 -22.70 3.26
CA VAL D 124 22.63 -23.80 4.16
C VAL D 124 22.52 -23.27 5.57
N GLY D 125 21.39 -23.52 6.22
CA GLY D 125 21.19 -23.15 7.62
C GLY D 125 21.83 -24.14 8.57
N THR D 126 21.85 -23.76 9.82
CA THR D 126 22.40 -24.61 10.91
C THR D 126 21.32 -24.78 11.97
N VAL D 127 21.22 -25.99 12.49
CA VAL D 127 20.35 -26.30 13.64
C VAL D 127 21.27 -26.65 14.82
N ARG D 128 21.01 -26.01 15.95
CA ARG D 128 21.86 -26.19 17.15
C ARG D 128 21.44 -27.46 17.88
N GLN D 129 22.40 -28.34 18.11
CA GLN D 129 22.10 -29.61 18.83
C GLN D 129 21.98 -29.31 20.32
N ASN D 130 21.43 -30.26 21.07
CA ASN D 130 21.40 -30.32 22.56
C ASN D 130 21.20 -28.92 23.15
N ARG D 131 20.24 -28.19 22.58
CA ARG D 131 19.92 -26.80 23.03
C ARG D 131 19.13 -26.87 24.34
N GLN D 132 19.75 -26.42 25.42
CA GLN D 132 19.11 -26.46 26.76
C GLN D 132 18.55 -25.09 27.07
N ASP D 133 17.23 -25.03 27.27
CA ASP D 133 16.54 -23.77 27.63
C ASP D 133 15.15 -24.13 28.13
N SER D 134 14.34 -23.12 28.42
CA SER D 134 12.97 -23.31 28.94
C SER D 134 12.11 -24.04 27.91
N LEU D 135 11.19 -24.85 28.40
CA LEU D 135 10.27 -25.64 27.53
C LEU D 135 9.36 -24.69 26.74
N PHE D 136 9.07 -23.51 27.26
CA PHE D 136 8.20 -22.55 26.56
C PHE D 136 8.87 -22.09 25.26
N ARG D 137 10.16 -21.81 25.32
CA ARG D 137 10.93 -21.46 24.10
C ARG D 137 10.99 -22.68 23.16
N LYS D 138 11.04 -23.88 23.69
CA LYS D 138 10.99 -25.10 22.85
C LYS D 138 9.67 -25.17 22.09
N SER D 139 8.56 -24.90 22.78
CA SER D 139 7.22 -24.92 22.14
C SER D 139 7.17 -23.83 21.06
N ALA D 140 7.70 -22.66 21.38
CA ALA D 140 7.79 -21.55 20.40
C ALA D 140 8.61 -22.00 19.17
N SER D 141 9.72 -22.66 19.39
CA SER D 141 10.63 -23.15 18.32
C SER D 141 9.86 -24.12 17.42
N LYS D 142 9.16 -25.09 18.01
CA LYS D 142 8.45 -26.09 17.16
C LYS D 142 7.29 -25.41 16.42
N ILE D 143 6.56 -24.51 17.07
CA ILE D 143 5.38 -23.92 16.39
C ILE D 143 5.86 -23.00 15.26
N ILE D 144 6.96 -22.30 15.46
CA ILE D 144 7.48 -21.41 14.38
C ILE D 144 8.06 -22.29 13.28
N ASN D 145 8.66 -23.43 13.62
CA ASN D 145 9.15 -24.37 12.60
C ASN D 145 7.98 -24.83 11.73
N LEU D 146 6.88 -25.24 12.35
CA LEU D 146 5.71 -25.72 11.59
C LEU D 146 5.14 -24.59 10.73
N LEU D 147 5.06 -23.39 11.28
CA LEU D 147 4.49 -22.25 10.52
C LEU D 147 5.38 -21.95 9.30
N ILE D 148 6.68 -21.92 9.49
CA ILE D 148 7.61 -21.61 8.36
C ILE D 148 7.55 -22.76 7.36
N GLN D 149 7.45 -23.99 7.82
CA GLN D 149 7.38 -25.15 6.91
C GLN D 149 6.12 -25.05 6.06
N ARG D 150 4.99 -24.74 6.67
CA ARG D 150 3.71 -24.66 5.91
C ARG D 150 3.73 -23.44 4.99
N THR D 151 4.40 -22.37 5.37
CA THR D 151 4.38 -21.12 4.56
C THR D 151 5.38 -21.19 3.41
N THR D 152 6.65 -21.33 3.70
CA THR D 152 7.74 -21.20 2.70
C THR D 152 8.10 -22.55 2.09
N GLY D 153 7.57 -23.65 2.61
CA GLY D 153 7.82 -24.99 2.04
C GLY D 153 9.10 -25.60 2.57
N LYS D 154 10.22 -24.86 2.49
CA LYS D 154 11.50 -25.38 3.02
C LYS D 154 11.44 -25.38 4.53
N ALA D 155 11.61 -26.55 5.14
CA ALA D 155 11.61 -26.71 6.61
C ALA D 155 12.83 -26.01 7.20
N MET D 156 12.60 -25.13 8.15
CA MET D 156 13.69 -24.46 8.89
C MET D 156 13.50 -24.64 10.39
N GLY D 157 14.55 -25.11 11.05
CA GLY D 157 14.49 -25.50 12.47
C GLY D 157 14.83 -24.33 13.38
N ASP D 158 16.02 -24.35 13.91
CA ASP D 158 16.54 -23.24 14.75
C ASP D 158 16.57 -21.93 13.96
N TYR D 159 16.03 -20.87 14.53
CA TYR D 159 16.01 -19.55 13.86
C TYR D 159 16.92 -18.54 14.57
N GLY D 160 17.13 -18.72 15.87
CA GLY D 160 17.98 -17.84 16.67
C GLY D 160 19.43 -17.95 16.23
N CYS D 161 19.87 -19.08 15.71
CA CYS D 161 21.25 -19.24 15.22
C CYS D 161 21.37 -18.65 13.82
N MET D 162 22.10 -17.54 13.68
CA MET D 162 22.20 -16.85 12.39
C MET D 162 23.50 -17.22 11.68
N LEU D 163 24.20 -18.26 12.14
CA LEU D 163 25.32 -18.85 11.36
C LEU D 163 24.72 -19.53 10.15
N ARG D 164 24.75 -18.85 9.02
CA ARG D 164 24.09 -19.34 7.80
C ARG D 164 24.96 -19.03 6.60
N ALA D 165 24.73 -19.76 5.52
CA ALA D 165 25.42 -19.58 4.23
C ALA D 165 24.38 -19.25 3.16
N TYR D 166 24.67 -18.23 2.37
CA TYR D 166 23.81 -17.81 1.25
C TYR D 166 24.66 -17.68 0.00
N ARG D 167 24.08 -18.03 -1.14
CA ARG D 167 24.74 -17.78 -2.43
C ARG D 167 24.58 -16.31 -2.79
N ARG D 168 25.49 -15.82 -3.60
CA ARG D 168 25.50 -14.38 -3.96
C ARG D 168 24.18 -13.97 -4.63
N PRO D 169 23.58 -14.73 -5.58
CA PRO D 169 22.28 -14.34 -6.11
C PRO D 169 21.18 -14.14 -5.06
N ILE D 170 21.20 -14.93 -3.99
CA ILE D 170 20.19 -14.78 -2.91
C ILE D 170 20.42 -13.44 -2.21
N ILE D 171 21.67 -13.10 -1.96
CA ILE D 171 22.00 -11.81 -1.28
C ILE D 171 21.58 -10.67 -2.18
N ASP D 172 21.85 -10.78 -3.48
CA ASP D 172 21.51 -9.70 -4.44
C ASP D 172 19.99 -9.54 -4.47
N THR D 173 19.25 -10.63 -4.52
CA THR D 173 17.77 -10.56 -4.55
C THR D 173 17.27 -9.94 -3.27
N MET D 174 17.84 -10.30 -2.13
CA MET D 174 17.41 -9.75 -0.82
C MET D 174 17.69 -8.25 -0.79
N LEU D 175 18.82 -7.82 -1.31
CA LEU D 175 19.13 -6.37 -1.33
C LEU D 175 18.16 -5.64 -2.25
N ARG D 176 17.84 -6.25 -3.38
CA ARG D 176 16.95 -5.60 -4.39
C ARG D 176 15.50 -5.83 -4.04
N CYS D 177 15.20 -6.61 -3.01
CA CYS D 177 13.81 -6.96 -2.64
C CYS D 177 13.06 -5.72 -2.13
N HIS D 178 11.76 -5.76 -2.23
CA HIS D 178 10.88 -4.67 -1.76
C HIS D 178 10.58 -4.76 -0.27
N GLU D 179 10.92 -5.87 0.37
CA GLU D 179 10.71 -6.03 1.82
C GLU D 179 11.96 -5.50 2.52
N ARG D 180 11.76 -4.83 3.64
CA ARG D 180 12.87 -4.13 4.32
C ARG D 180 13.10 -4.73 5.71
N SER D 181 12.06 -4.86 6.52
CA SER D 181 12.21 -5.23 7.95
C SER D 181 12.01 -6.72 8.16
N THR D 182 11.90 -7.51 7.11
CA THR D 182 11.62 -8.95 7.25
C THR D 182 12.86 -9.67 7.77
N PHE D 183 12.63 -10.78 8.43
CA PHE D 183 13.72 -11.56 9.07
C PHE D 183 14.52 -12.23 7.98
N ILE D 184 15.84 -12.10 8.06
CA ILE D 184 16.73 -12.42 6.90
C ILE D 184 16.69 -13.91 6.59
N PRO D 185 16.84 -14.85 7.55
CA PRO D 185 16.70 -16.26 7.21
C PRO D 185 15.38 -16.66 6.54
N ILE D 186 14.28 -16.06 6.99
CA ILE D 186 12.96 -16.31 6.37
C ILE D 186 12.98 -15.82 4.92
N LEU D 187 13.52 -14.64 4.69
CA LEU D 187 13.57 -14.08 3.32
C LEU D 187 14.45 -14.96 2.43
N ALA D 188 15.55 -15.46 2.96
CA ALA D 188 16.44 -16.34 2.19
C ALA D 188 15.72 -17.64 1.85
N ASN D 189 14.98 -18.21 2.81
CA ASN D 189 14.23 -19.44 2.53
C ASN D 189 13.17 -19.15 1.45
N ILE D 190 12.58 -17.99 1.49
CA ILE D 190 11.54 -17.61 0.48
C ILE D 190 12.17 -17.54 -0.90
N PHE D 191 13.35 -16.94 -1.02
CA PHE D 191 14.00 -16.76 -2.35
C PHE D 191 14.93 -17.91 -2.70
N ALA D 192 15.09 -18.91 -1.84
CA ALA D 192 16.03 -20.02 -2.10
C ALA D 192 15.46 -20.96 -3.16
N ARG D 193 16.31 -21.45 -4.05
CA ARG D 193 15.93 -22.53 -4.99
C ARG D 193 16.07 -23.87 -4.27
N ARG D 194 17.26 -24.17 -3.77
CA ARG D 194 17.50 -25.36 -2.94
C ARG D 194 18.08 -24.93 -1.61
N ALA D 195 17.43 -25.29 -0.51
CA ALA D 195 17.90 -24.97 0.84
C ALA D 195 18.06 -26.25 1.65
N THR D 196 18.98 -26.23 2.59
CA THR D 196 19.22 -27.37 3.50
C THR D 196 19.65 -26.86 4.85
N GLU D 197 19.81 -27.79 5.78
CA GLU D 197 20.26 -27.50 7.14
C GLU D 197 21.26 -28.57 7.58
N ILE D 198 22.17 -28.17 8.45
CA ILE D 198 23.18 -29.10 9.02
C ILE D 198 23.18 -28.94 10.52
N PRO D 199 23.50 -30.00 11.30
CA PRO D 199 23.59 -29.85 12.74
C PRO D 199 24.94 -29.31 13.20
N VAL D 200 24.89 -28.40 14.17
CA VAL D 200 26.10 -27.75 14.71
C VAL D 200 26.05 -27.83 16.23
N HIS D 201 27.22 -27.68 16.85
CA HIS D 201 27.35 -27.72 18.32
C HIS D 201 27.62 -26.31 18.84
N HIS D 202 26.77 -25.86 19.76
CA HIS D 202 26.86 -24.48 20.30
C HIS D 202 27.50 -24.50 21.68
N ALA D 203 28.35 -23.53 21.94
CA ALA D 203 29.07 -23.41 23.23
C ALA D 203 28.09 -23.07 24.36
N GLU D 204 27.14 -22.19 24.09
CA GLU D 204 26.17 -21.75 25.10
C GLU D 204 24.96 -21.13 24.41
N SER D 213 12.35 -11.73 28.20
CA SER D 213 11.07 -11.51 28.92
C SER D 213 9.95 -12.33 28.27
N PHE D 214 8.74 -11.80 28.27
CA PHE D 214 7.58 -12.46 27.64
C PHE D 214 6.96 -11.55 26.58
N MET D 215 6.99 -10.24 26.79
CA MET D 215 6.46 -9.29 25.80
C MET D 215 7.26 -9.39 24.49
N ARG D 216 8.57 -9.53 24.62
CA ARG D 216 9.44 -9.64 23.43
C ARG D 216 9.06 -10.89 22.63
N LEU D 217 8.74 -11.99 23.29
CA LEU D 217 8.34 -13.22 22.57
C LEU D 217 7.05 -13.00 21.78
N ILE D 218 6.08 -12.33 22.37
CA ILE D 218 4.80 -12.05 21.66
C ILE D 218 5.06 -11.10 20.50
N ASN D 219 5.92 -10.12 20.70
CA ASN D 219 6.27 -9.18 19.60
C ASN D 219 6.93 -9.94 18.45
N LEU D 220 7.85 -10.85 18.77
CA LEU D 220 8.52 -11.67 17.74
C LEU D 220 7.49 -12.56 17.03
N MET D 221 6.55 -13.14 17.78
CA MET D 221 5.50 -13.98 17.15
C MET D 221 4.67 -13.15 16.17
N TYR D 222 4.25 -11.98 16.57
CA TYR D 222 3.47 -11.10 15.66
C TYR D 222 4.30 -10.70 14.46
N ASP D 223 5.57 -10.40 14.67
CA ASP D 223 6.47 -9.99 13.55
C ASP D 223 6.62 -11.13 12.56
N LEU D 224 6.87 -12.34 13.04
CA LEU D 224 7.10 -13.49 12.13
C LEU D 224 5.81 -13.88 11.41
N VAL D 225 4.69 -13.84 12.12
CA VAL D 225 3.40 -14.22 11.49
C VAL D 225 3.07 -13.20 10.40
N THR D 226 3.34 -11.93 10.64
CA THR D 226 3.02 -10.89 9.66
C THR D 226 3.98 -10.98 8.47
N CYS D 227 5.23 -11.33 8.70
CA CYS D 227 6.19 -11.47 7.57
C CYS D 227 5.85 -12.68 6.70
N LEU D 228 5.43 -13.77 7.29
CA LEU D 228 5.27 -15.04 6.53
C LEU D 228 4.01 -14.96 5.66
N THR D 229 2.84 -14.82 6.26
CA THR D 229 1.57 -15.07 5.54
C THR D 229 0.57 -13.99 5.88
N THR D 230 -0.44 -13.89 5.03
CA THR D 230 -1.64 -13.07 5.26
C THR D 230 -2.81 -13.95 5.70
N THR D 231 -2.56 -15.23 5.94
CA THR D 231 -3.62 -16.15 6.44
C THR D 231 -4.35 -15.61 7.66
N PRO D 232 -3.70 -15.01 8.68
CA PRO D 232 -4.43 -14.44 9.80
C PRO D 232 -5.48 -13.41 9.42
N LEU D 233 -5.28 -12.70 8.32
CA LEU D 233 -6.33 -11.75 7.84
C LEU D 233 -7.53 -12.54 7.37
N ARG D 234 -7.33 -13.63 6.65
CA ARG D 234 -8.46 -14.47 6.19
C ARG D 234 -9.15 -15.05 7.42
N LEU D 235 -8.40 -15.50 8.40
CA LEU D 235 -9.00 -16.02 9.65
C LEU D 235 -9.82 -14.92 10.30
N LEU D 236 -9.31 -13.69 10.35
CA LEU D 236 -10.06 -12.56 10.93
C LEU D 236 -11.38 -12.40 10.18
N SER D 237 -11.34 -12.43 8.86
CA SER D 237 -12.55 -12.26 8.04
C SER D 237 -13.55 -13.37 8.39
N LEU D 238 -13.07 -14.61 8.45
CA LEU D 238 -13.95 -15.77 8.71
C LEU D 238 -14.57 -15.63 10.10
N LEU D 239 -13.77 -15.38 11.11
CA LEU D 239 -14.28 -15.25 12.50
C LEU D 239 -15.21 -14.04 12.57
N GLY D 240 -14.92 -12.97 11.84
CA GLY D 240 -15.84 -11.82 11.81
C GLY D 240 -17.16 -12.20 11.20
N SER D 241 -17.16 -12.96 10.11
CA SER D 241 -18.42 -13.45 9.48
C SER D 241 -19.18 -14.28 10.51
N VAL D 242 -18.50 -15.18 11.19
CA VAL D 242 -19.17 -16.08 12.17
C VAL D 242 -19.76 -15.23 13.30
N ILE D 243 -18.99 -14.28 13.81
CA ILE D 243 -19.48 -13.44 14.94
C ILE D 243 -20.66 -12.60 14.44
N ALA D 244 -20.60 -12.12 13.20
CA ALA D 244 -21.71 -11.35 12.62
C ALA D 244 -22.96 -12.21 12.52
N ILE D 245 -22.81 -13.44 12.05
CA ILE D 245 -23.96 -14.37 11.96
C ILE D 245 -24.54 -14.59 13.36
N GLY D 246 -23.69 -14.86 14.33
CA GLY D 246 -24.13 -14.97 15.73
C GLY D 246 -24.87 -13.72 16.19
N GLY D 247 -24.37 -12.55 15.82
CA GLY D 247 -24.99 -11.29 16.23
C GLY D 247 -26.37 -11.16 15.60
N PHE D 248 -26.49 -11.47 14.32
CA PHE D 248 -27.82 -11.41 13.65
C PHE D 248 -28.78 -12.43 14.28
N SER D 249 -28.28 -13.62 14.58
CA SER D 249 -29.08 -14.68 15.22
C SER D 249 -29.57 -14.18 16.59
N LEU D 250 -28.68 -13.61 17.37
CA LEU D 250 -29.06 -13.10 18.71
C LEU D 250 -30.05 -11.95 18.57
N SER D 251 -29.85 -11.09 17.57
CA SER D 251 -30.78 -9.96 17.30
C SER D 251 -32.19 -10.50 17.02
N VAL D 252 -32.32 -11.35 16.02
CA VAL D 252 -33.65 -11.87 15.61
C VAL D 252 -34.24 -12.65 16.79
N LEU D 253 -33.42 -13.41 17.50
CA LEU D 253 -33.95 -14.23 18.63
C LEU D 253 -34.46 -13.30 19.72
N LEU D 254 -33.73 -12.25 20.04
CA LEU D 254 -33.99 -11.48 21.29
C LEU D 254 -35.16 -10.50 21.12
N ILE D 255 -35.13 -9.69 20.07
CA ILE D 255 -36.20 -8.66 19.89
C ILE D 255 -37.38 -9.28 19.14
N VAL D 256 -37.14 -9.82 17.96
CA VAL D 256 -38.24 -10.13 17.02
C VAL D 256 -39.08 -11.24 17.66
N LEU D 257 -38.45 -12.24 18.27
CA LEU D 257 -39.22 -13.40 18.75
C LEU D 257 -39.75 -13.12 20.17
N ARG D 258 -38.86 -12.68 21.07
CA ARG D 258 -39.24 -12.64 22.50
C ARG D 258 -40.12 -11.42 22.76
N LEU D 259 -40.06 -10.39 21.92
CA LEU D 259 -41.02 -9.26 22.02
C LEU D 259 -42.43 -9.77 21.69
N ALA D 260 -42.57 -10.57 20.64
CA ALA D 260 -43.89 -11.16 20.29
C ALA D 260 -44.32 -12.14 21.39
N LEU D 261 -43.38 -12.88 21.97
CA LEU D 261 -43.75 -13.89 22.99
C LEU D 261 -44.21 -13.19 24.28
N GLY D 262 -43.33 -12.41 24.89
CA GLY D 262 -43.61 -11.70 26.15
C GLY D 262 -43.22 -10.23 26.03
N PRO D 263 -44.17 -9.28 25.95
CA PRO D 263 -43.78 -7.87 26.02
C PRO D 263 -43.17 -7.46 27.37
N GLN D 264 -43.77 -7.88 28.47
CA GLN D 264 -43.29 -7.46 29.82
C GLN D 264 -42.03 -8.23 30.16
N TRP D 265 -41.95 -9.50 29.76
CA TRP D 265 -40.79 -10.36 30.06
C TRP D 265 -39.52 -9.80 29.42
N ALA D 266 -39.60 -9.34 28.17
CA ALA D 266 -38.41 -8.83 27.47
C ALA D 266 -38.19 -7.35 27.80
N ALA D 267 -38.94 -6.80 28.75
CA ALA D 267 -38.70 -5.45 29.32
C ALA D 267 -38.91 -4.40 28.23
N GLU D 268 -38.73 -3.15 28.61
CA GLU D 268 -38.90 -1.99 27.69
C GLU D 268 -37.57 -1.28 27.44
N GLY D 269 -36.66 -1.29 28.43
CA GLY D 269 -35.44 -0.46 28.37
C GLY D 269 -34.32 -1.15 27.59
N VAL D 270 -33.90 -2.33 28.03
CA VAL D 270 -32.50 -2.78 27.79
C VAL D 270 -32.47 -3.69 26.56
N PHE D 271 -33.39 -4.62 26.42
CA PHE D 271 -33.20 -5.78 25.50
C PHE D 271 -33.28 -5.39 24.01
N MET D 272 -34.40 -4.86 23.57
CA MET D 272 -34.75 -4.86 22.12
C MET D 272 -33.77 -4.00 21.29
N LEU D 273 -33.53 -2.76 21.68
CA LEU D 273 -32.72 -1.87 20.83
C LEU D 273 -31.27 -2.29 20.91
N PHE D 274 -30.86 -3.05 21.90
CA PHE D 274 -29.48 -3.58 21.94
C PHE D 274 -29.38 -4.91 21.23
N ALA D 275 -30.48 -5.62 21.06
CA ALA D 275 -30.55 -6.63 19.98
C ALA D 275 -30.30 -5.95 18.62
N VAL D 276 -30.87 -4.77 18.44
CA VAL D 276 -30.64 -3.98 17.21
C VAL D 276 -29.16 -3.54 17.17
N LEU D 277 -28.58 -3.24 18.32
CA LEU D 277 -27.14 -2.92 18.44
C LEU D 277 -26.29 -4.10 17.95
N PHE D 278 -26.66 -5.32 18.32
CA PHE D 278 -25.86 -6.52 18.01
C PHE D 278 -25.70 -6.72 16.50
N THR D 279 -26.66 -6.33 15.68
CA THR D 279 -26.50 -6.45 14.22
C THR D 279 -25.51 -5.38 13.74
N PHE D 280 -25.46 -4.24 14.37
CA PHE D 280 -24.50 -3.18 13.97
C PHE D 280 -23.08 -3.64 14.27
N ILE D 281 -22.86 -4.32 15.40
CA ILE D 281 -21.51 -4.89 15.64
C ILE D 281 -21.20 -5.96 14.57
N GLY D 282 -22.16 -6.76 14.17
CA GLY D 282 -21.94 -7.71 13.06
C GLY D 282 -21.54 -7.02 11.76
N ALA D 283 -22.22 -5.93 11.44
CA ALA D 283 -21.92 -5.14 10.24
C ALA D 283 -20.49 -4.59 10.35
N GLN D 284 -20.10 -4.10 11.52
CA GLN D 284 -18.74 -3.59 11.74
C GLN D 284 -17.72 -4.72 11.52
N PHE D 285 -18.00 -5.91 12.02
CA PHE D 285 -17.09 -7.06 11.84
C PHE D 285 -16.95 -7.40 10.35
N ILE D 286 -18.05 -7.40 9.63
CA ILE D 286 -18.00 -7.75 8.19
C ILE D 286 -17.18 -6.69 7.44
N GLY D 287 -17.41 -5.42 7.77
CA GLY D 287 -16.64 -4.34 7.13
C GLY D 287 -15.16 -4.45 7.42
N MET D 288 -14.83 -4.74 8.67
CA MET D 288 -13.41 -4.90 9.06
C MET D 288 -12.81 -6.10 8.34
N GLY D 289 -13.58 -7.15 8.16
CA GLY D 289 -13.09 -8.30 7.37
C GLY D 289 -12.81 -7.93 5.93
N LEU D 290 -13.69 -7.15 5.31
CA LEU D 290 -13.46 -6.72 3.91
C LEU D 290 -12.22 -5.82 3.83
N LEU D 291 -12.07 -4.91 4.79
CA LEU D 291 -10.85 -4.08 4.83
C LEU D 291 -9.63 -4.99 4.95
N GLY D 292 -9.68 -5.98 5.82
CA GLY D 292 -8.57 -6.90 5.99
C GLY D 292 -8.25 -7.64 4.71
N GLU D 293 -9.26 -8.08 3.99
CA GLU D 293 -9.05 -8.77 2.70
C GLU D 293 -8.29 -7.87 1.73
N TYR D 294 -8.72 -6.64 1.61
CA TYR D 294 -8.06 -5.69 0.67
C TYR D 294 -6.65 -5.34 1.14
N ILE D 295 -6.45 -5.18 2.45
CA ILE D 295 -5.10 -4.92 3.01
C ILE D 295 -4.19 -6.12 2.73
N GLY D 296 -4.70 -7.33 2.86
CA GLY D 296 -3.92 -8.52 2.56
C GLY D 296 -3.52 -8.57 1.10
N ARG D 297 -4.45 -8.25 0.22
CA ARG D 297 -4.13 -8.22 -1.22
C ARG D 297 -3.05 -7.19 -1.47
N ILE D 298 -3.17 -6.00 -0.89
CA ILE D 298 -2.17 -4.91 -1.10
C ILE D 298 -0.81 -5.40 -0.61
N TYR D 299 -0.78 -6.03 0.56
CA TYR D 299 0.49 -6.42 1.20
C TYR D 299 1.15 -7.52 0.38
N ASN D 300 0.36 -8.41 -0.17
CA ASN D 300 0.90 -9.49 -1.05
C ASN D 300 1.45 -8.86 -2.33
N ASP D 301 0.73 -7.91 -2.91
CA ASP D 301 1.13 -7.33 -4.23
C ASP D 301 2.34 -6.43 -4.08
N VAL D 302 2.47 -5.66 -3.03
CA VAL D 302 3.63 -4.73 -2.88
C VAL D 302 4.92 -5.53 -2.73
N ARG D 303 4.90 -6.64 -2.01
CA ARG D 303 6.15 -7.41 -1.76
C ARG D 303 6.65 -8.01 -3.07
N ALA D 304 5.75 -8.42 -3.95
CA ALA D 304 6.07 -9.00 -5.27
C ALA D 304 7.01 -10.19 -5.11
N ARG D 305 6.71 -11.05 -4.16
CA ARG D 305 7.43 -12.34 -4.07
C ARG D 305 7.12 -13.18 -5.30
N PRO D 306 8.06 -14.03 -5.71
CA PRO D 306 7.88 -14.88 -6.88
C PRO D 306 6.65 -15.77 -6.76
N ARG D 307 5.91 -15.86 -7.86
CA ARG D 307 4.65 -16.64 -7.89
C ARG D 307 4.96 -18.14 -7.82
N TYR D 308 6.06 -18.54 -8.44
CA TYR D 308 6.51 -19.94 -8.49
C TYR D 308 7.99 -19.95 -8.88
N PHE D 309 8.66 -21.05 -8.61
CA PHE D 309 9.99 -21.36 -9.18
C PHE D 309 9.88 -22.67 -9.95
N VAL D 310 10.12 -22.61 -11.25
CA VAL D 310 10.17 -23.85 -12.05
C VAL D 310 11.51 -24.54 -11.79
N GLN D 311 11.47 -25.83 -11.51
CA GLN D 311 12.66 -26.60 -11.11
C GLN D 311 13.27 -27.26 -12.34
N GLN D 312 12.44 -27.82 -13.23
CA GLN D 312 12.92 -28.50 -14.45
C GLN D 312 11.79 -28.59 -15.46
N VAL D 313 12.07 -28.29 -16.71
CA VAL D 313 11.11 -28.45 -17.83
C VAL D 313 11.66 -29.50 -18.79
N ILE D 314 10.83 -30.41 -19.22
CA ILE D 314 11.30 -31.66 -19.88
C ILE D 314 10.68 -31.74 -21.26
N TYR D 315 10.74 -30.69 -22.05
CA TYR D 315 10.22 -30.69 -23.44
C TYR D 315 10.56 -32.00 -24.13
N PRO D 316 9.61 -32.62 -24.85
CA PRO D 316 9.91 -33.87 -25.55
C PRO D 316 10.76 -33.64 -26.80
N GLU D 317 10.99 -34.71 -27.56
CA GLU D 317 11.82 -34.68 -28.78
C GLU D 317 11.22 -33.71 -29.80
#